data_5LY9
#
_entry.id   5LY9
#
_cell.length_a   78.507
_cell.length_b   95.041
_cell.length_c   103.753
_cell.angle_alpha   90.000
_cell.angle_beta   90.000
_cell.angle_gamma   90.000
#
_symmetry.space_group_name_H-M   'P 21 21 21'
#
loop_
_entity.id
_entity.type
_entity.pdbx_description
1 polymer 'Variant surface glycoprotein MITAT 1.1'
2 branched alpha-D-mannopyranose-(1-3)-[alpha-D-mannopyranose-(1-6)]beta-D-mannopyranose-(1-4)-2-acetamido-2-deoxy-beta-D-glucopyranose-(1-4)-2-acetamido-2-deoxy-beta-D-glucopyranose
3 branched alpha-D-mannopyranose-(1-2)-alpha-D-mannopyranose-(1-3)-beta-D-mannopyranose-(1-4)-2-acetamido-2-deoxy-beta-D-glucopyranose-(1-4)-2-acetamido-2-deoxy-beta-D-glucopyranose
4 non-polymer GLYCEROL
5 non-polymer '2-(N-MORPHOLINO)-ETHANESULFONIC ACID'
6 water water
#
_entity_poly.entity_id   1
_entity_poly.type   'polypeptide(L)'
_entity_poly.pdbx_seq_one_letter_code
;AERTGLKATAWKPLCKLTTELSKVSGEMLNEGQEVISNIQKIKAAEYKVSIYLAKNPETQALQQLTLLRGYFARKTNGGL
ESYKTMGLATQIRSARAAAYLKGSIDEFLNLLESLKGGSENKCLVTTNADTAATRRETKLDDQECALSMPETKPEAATRT
ELTQTGYPNLQHGGGGTANTFQPTTSTGTCKLLSGHSTNGYPTTSALDTTAKVLAGYMTIPNTQVEATLANMQAMGNGHK
ATAPAWHEAWEARNREAKAKDLAYTNETGNLDTQPTLKALVKTLLLPKDNTEHNAEATKLEALFGGLAADKTKTYLDMVD
AEIIPAGIAGRTTEAPLGKIHDTVELGDILSNYEMIAAQNVVTLKKNL
;
_entity_poly.pdbx_strand_id   A,B
#
loop_
_chem_comp.id
_chem_comp.type
_chem_comp.name
_chem_comp.formula
BMA D-saccharide, beta linking beta-D-mannopyranose 'C6 H12 O6'
GOL non-polymer GLYCEROL 'C3 H8 O3'
MAN D-saccharide, alpha linking alpha-D-mannopyranose 'C6 H12 O6'
MES non-polymer '2-(N-MORPHOLINO)-ETHANESULFONIC ACID' 'C6 H13 N O4 S'
NAG D-saccharide, beta linking 2-acetamido-2-deoxy-beta-D-glucopyranose 'C8 H15 N O6'
#
# COMPACT_ATOMS: atom_id res chain seq x y z
N ALA A 1 0.97 -22.37 37.34
CA ALA A 1 0.89 -21.67 38.64
C ALA A 1 0.93 -20.16 38.37
N GLU A 2 0.39 -19.40 39.31
CA GLU A 2 0.57 -17.94 39.30
C GLU A 2 2.03 -17.58 39.18
N ARG A 3 2.30 -16.59 38.36
CA ARG A 3 3.58 -15.97 38.23
C ARG A 3 4.83 -16.82 37.85
N THR A 4 4.63 -17.95 37.21
CA THR A 4 5.74 -18.62 36.47
C THR A 4 5.75 -18.15 35.03
N GLY A 5 6.86 -18.38 34.34
CA GLY A 5 6.96 -17.99 32.98
C GLY A 5 6.00 -18.64 32.01
N LEU A 6 5.98 -18.07 30.84
CA LEU A 6 5.14 -18.60 29.78
C LEU A 6 5.82 -19.80 29.05
N LYS A 7 5.13 -20.95 29.01
CA LYS A 7 5.64 -22.13 28.29
C LYS A 7 5.78 -21.87 26.79
N ALA A 8 6.71 -22.58 26.18
CA ALA A 8 6.91 -22.58 24.77
C ALA A 8 5.66 -22.98 24.00
N THR A 9 4.76 -23.79 24.57
CA THR A 9 3.51 -24.15 23.89
C THR A 9 2.68 -22.87 23.64
N ALA A 10 2.88 -21.82 24.47
CA ALA A 10 2.17 -20.57 24.32
C ALA A 10 2.92 -19.54 23.50
N TRP A 11 4.22 -19.37 23.71
CA TRP A 11 4.96 -18.35 22.93
C TRP A 11 5.44 -18.81 21.56
N LYS A 12 5.67 -20.08 21.37
CA LYS A 12 6.13 -20.51 20.01
C LYS A 12 5.12 -20.19 18.92
N PRO A 13 3.83 -20.35 19.21
CA PRO A 13 2.85 -19.92 18.17
C PRO A 13 2.92 -18.41 17.88
N LEU A 14 3.24 -17.59 18.87
CA LEU A 14 3.42 -16.19 18.62
C LEU A 14 4.65 -15.91 17.76
N CYS A 15 5.75 -16.60 18.04
CA CYS A 15 6.95 -16.53 17.15
C CYS A 15 6.62 -16.93 15.68
N LYS A 16 5.84 -17.99 15.51
CA LYS A 16 5.40 -18.41 14.18
C LYS A 16 4.57 -17.32 13.52
N LEU A 17 3.69 -16.72 14.27
CA LEU A 17 2.82 -15.69 13.71
C LEU A 17 3.62 -14.48 13.33
N THR A 18 4.52 -14.00 14.23
CA THR A 18 5.29 -12.84 13.86
C THR A 18 6.16 -13.09 12.61
N THR A 19 6.72 -14.31 12.49
CA THR A 19 7.43 -14.72 11.27
C THR A 19 6.53 -14.66 10.03
N GLU A 20 5.34 -15.16 10.13
CA GLU A 20 4.42 -15.12 8.99
C GLU A 20 4.06 -13.67 8.63
N LEU A 21 3.71 -12.89 9.64
CA LEU A 21 3.30 -11.51 9.46
C LEU A 21 4.37 -10.67 8.82
N SER A 22 5.62 -11.02 9.04
CA SER A 22 6.76 -10.27 8.56
C SER A 22 6.76 -10.16 7.02
N LYS A 23 6.10 -11.07 6.30
CA LYS A 23 6.09 -11.04 4.85
C LYS A 23 4.86 -10.46 4.23
N VAL A 24 3.87 -10.11 5.03
CA VAL A 24 2.62 -9.61 4.47
C VAL A 24 2.82 -8.35 3.62
N SER A 25 3.61 -7.39 4.07
CA SER A 25 3.86 -6.14 3.33
C SER A 25 4.40 -6.41 1.96
N GLY A 26 5.44 -7.26 1.94
CA GLY A 26 6.04 -7.72 0.71
C GLY A 26 5.13 -8.48 -0.22
N GLU A 27 4.23 -9.25 0.36
CA GLU A 27 3.25 -9.94 -0.47
C GLU A 27 2.27 -8.94 -1.01
N MET A 28 1.86 -7.94 -0.23
CA MET A 28 1.08 -6.89 -0.76
C MET A 28 1.78 -6.10 -1.91
N LEU A 29 3.06 -5.86 -1.81
CA LEU A 29 3.77 -5.27 -2.94
C LEU A 29 3.70 -6.13 -4.17
N ASN A 30 3.98 -7.41 -4.00
CA ASN A 30 3.94 -8.33 -5.09
C ASN A 30 2.53 -8.33 -5.73
N GLU A 31 1.50 -8.37 -4.90
CA GLU A 31 0.13 -8.49 -5.45
C GLU A 31 -0.27 -7.20 -6.20
N GLY A 32 0.10 -6.07 -5.64
CA GLY A 32 -0.09 -4.79 -6.35
C GLY A 32 0.60 -4.71 -7.68
N GLN A 33 1.85 -5.17 -7.71
CA GLN A 33 2.57 -5.21 -8.94
C GLN A 33 1.95 -6.10 -9.97
N GLU A 34 1.41 -7.23 -9.56
CA GLU A 34 0.73 -8.16 -10.46
C GLU A 34 -0.60 -7.55 -10.93
N VAL A 35 -1.31 -6.85 -10.05
CA VAL A 35 -2.51 -6.16 -10.48
C VAL A 35 -2.16 -5.16 -11.58
N ILE A 36 -1.12 -4.34 -11.37
CA ILE A 36 -0.73 -3.33 -12.36
CA ILE A 36 -0.74 -3.33 -12.34
C ILE A 36 -0.25 -4.00 -13.65
N SER A 37 0.54 -5.09 -13.50
CA SER A 37 0.98 -5.83 -14.63
CA SER A 37 0.97 -5.84 -14.65
C SER A 37 -0.20 -6.33 -15.49
N ASN A 38 -1.21 -6.87 -14.86
CA ASN A 38 -2.43 -7.29 -15.56
C ASN A 38 -3.14 -6.14 -16.28
N ILE A 39 -3.23 -5.02 -15.61
CA ILE A 39 -3.79 -3.80 -16.25
C ILE A 39 -2.99 -3.40 -17.49
N GLN A 40 -1.68 -3.41 -17.33
CA GLN A 40 -0.74 -3.21 -18.45
C GLN A 40 -0.86 -4.14 -19.60
N LYS A 41 -1.02 -5.42 -19.31
CA LYS A 41 -1.16 -6.41 -20.35
C LYS A 41 -2.44 -6.15 -21.15
N ILE A 42 -3.51 -5.74 -20.47
CA ILE A 42 -4.77 -5.44 -21.15
C ILE A 42 -4.67 -4.17 -21.93
N LYS A 43 -3.98 -3.18 -21.41
CA LYS A 43 -3.64 -1.98 -22.22
C LYS A 43 -2.85 -2.34 -23.43
N ALA A 44 -1.84 -3.24 -23.27
CA ALA A 44 -1.08 -3.63 -24.45
C ALA A 44 -1.99 -4.26 -25.51
N ALA A 45 -2.95 -5.06 -25.10
CA ALA A 45 -3.87 -5.68 -26.04
C ALA A 45 -4.74 -4.63 -26.74
N GLU A 46 -5.23 -3.64 -25.99
CA GLU A 46 -5.91 -2.53 -26.57
C GLU A 46 -5.06 -1.89 -27.65
N TYR A 47 -3.80 -1.64 -27.32
CA TYR A 47 -2.90 -1.00 -28.27
C TYR A 47 -2.69 -1.85 -29.54
N LYS A 48 -2.50 -3.14 -29.38
CA LYS A 48 -2.23 -4.03 -30.53
C LYS A 48 -3.38 -4.01 -31.47
N VAL A 49 -4.59 -4.18 -30.95
CA VAL A 49 -5.78 -4.16 -31.84
C VAL A 49 -5.92 -2.80 -32.48
N SER A 50 -5.68 -1.72 -31.72
CA SER A 50 -5.74 -0.36 -32.25
C SER A 50 -4.76 -0.11 -33.39
N ILE A 51 -3.53 -0.60 -33.23
CA ILE A 51 -2.52 -0.47 -34.22
C ILE A 51 -2.90 -1.24 -35.51
N TYR A 52 -3.41 -2.46 -35.34
CA TYR A 52 -3.81 -3.26 -36.48
C TYR A 52 -4.91 -2.50 -37.27
N LEU A 53 -5.88 -1.96 -36.55
CA LEU A 53 -6.94 -1.21 -37.21
C LEU A 53 -6.41 0.01 -37.91
N ALA A 54 -5.54 0.75 -37.23
CA ALA A 54 -4.99 1.95 -37.88
C ALA A 54 -4.19 1.64 -39.13
N LYS A 55 -3.55 0.49 -39.12
CA LYS A 55 -2.68 0.06 -40.21
C LYS A 55 -3.51 -0.53 -41.32
N ASN A 56 -4.73 -1.01 -40.99
CA ASN A 56 -5.55 -1.78 -41.93
C ASN A 56 -6.99 -1.29 -42.00
N PRO A 57 -7.22 -0.07 -42.51
CA PRO A 57 -8.53 0.48 -42.46
C PRO A 57 -9.50 -0.29 -43.31
N GLU A 58 -9.03 -1.00 -44.33
CA GLU A 58 -9.93 -1.74 -45.17
C GLU A 58 -10.13 -3.16 -44.71
N THR A 59 -9.73 -3.48 -43.47
CA THR A 59 -9.90 -4.84 -42.95
C THR A 59 -11.33 -5.33 -43.12
N GLN A 60 -11.48 -6.58 -43.49
CA GLN A 60 -12.81 -7.19 -43.45
C GLN A 60 -13.24 -7.64 -42.07
N ALA A 61 -12.43 -7.39 -41.06
CA ALA A 61 -12.75 -7.74 -39.69
C ALA A 61 -12.99 -6.52 -38.85
N LEU A 62 -13.52 -5.48 -39.49
CA LEU A 62 -13.63 -4.17 -38.83
C LEU A 62 -14.47 -4.26 -37.55
N GLN A 63 -15.66 -4.87 -37.62
CA GLN A 63 -16.51 -4.89 -36.49
C GLN A 63 -15.98 -5.81 -35.36
N GLN A 64 -15.46 -6.98 -35.70
CA GLN A 64 -14.87 -7.89 -34.69
C GLN A 64 -13.72 -7.19 -33.96
N LEU A 65 -12.89 -6.51 -34.71
CA LEU A 65 -11.67 -5.90 -34.12
C LEU A 65 -12.00 -4.61 -33.32
N THR A 66 -12.96 -3.84 -33.81
CA THR A 66 -13.46 -2.67 -33.07
C THR A 66 -13.98 -3.10 -31.69
N LEU A 67 -14.80 -4.13 -31.70
CA LEU A 67 -15.35 -4.70 -30.49
C LEU A 67 -14.29 -5.13 -29.55
N LEU A 68 -13.26 -5.85 -30.03
CA LEU A 68 -12.23 -6.34 -29.15
C LEU A 68 -11.39 -5.18 -28.59
N ARG A 69 -11.09 -4.19 -29.42
CA ARG A 69 -10.33 -2.99 -28.99
C ARG A 69 -11.11 -2.28 -27.90
N GLY A 70 -12.39 -2.12 -28.13
CA GLY A 70 -13.28 -1.48 -27.12
C GLY A 70 -13.34 -2.25 -25.84
N TYR A 71 -13.37 -3.60 -25.95
CA TYR A 71 -13.37 -4.46 -24.79
C TYR A 71 -12.11 -4.33 -23.97
N PHE A 72 -10.99 -4.43 -24.63
CA PHE A 72 -9.74 -4.29 -23.86
C PHE A 72 -9.61 -2.90 -23.25
N ALA A 73 -10.00 -1.87 -23.98
CA ALA A 73 -10.03 -0.52 -23.39
C ALA A 73 -10.89 -0.43 -22.14
N ARG A 74 -12.11 -0.90 -22.20
CA ARG A 74 -12.94 -0.89 -20.97
C ARG A 74 -12.27 -1.62 -19.86
N LYS A 75 -11.69 -2.78 -20.17
CA LYS A 75 -11.13 -3.61 -19.13
C LYS A 75 -9.90 -3.00 -18.49
N THR A 76 -8.99 -2.42 -19.28
CA THR A 76 -7.82 -1.81 -18.67
C THR A 76 -8.15 -0.50 -17.95
N ASN A 77 -9.01 0.32 -18.54
CA ASN A 77 -9.34 1.60 -17.97
C ASN A 77 -10.17 1.42 -16.71
N GLY A 78 -11.09 0.47 -16.73
CA GLY A 78 -11.95 0.18 -15.58
C GLY A 78 -11.12 -0.51 -14.51
N GLY A 79 -10.21 -1.38 -14.89
CA GLY A 79 -9.28 -2.04 -13.94
C GLY A 79 -8.43 -1.06 -13.15
N LEU A 80 -7.85 -0.09 -13.86
CA LEU A 80 -7.02 0.91 -13.19
C LEU A 80 -7.89 1.76 -12.22
N GLU A 81 -9.08 2.19 -12.68
CA GLU A 81 -9.99 2.87 -11.79
C GLU A 81 -10.35 2.06 -10.57
N SER A 82 -10.67 0.78 -10.74
CA SER A 82 -11.01 -0.09 -9.61
CA SER A 82 -10.97 -0.13 -9.63
C SER A 82 -9.81 -0.25 -8.64
N TYR A 83 -8.60 -0.34 -9.17
CA TYR A 83 -7.43 -0.40 -8.29
C TYR A 83 -7.32 0.92 -7.44
N LYS A 84 -7.53 2.06 -8.07
CA LYS A 84 -7.50 3.31 -7.36
C LYS A 84 -8.55 3.42 -6.29
N THR A 85 -9.80 3.11 -6.68
CA THR A 85 -10.90 3.40 -5.81
C THR A 85 -11.16 2.33 -4.73
N MET A 86 -10.72 1.12 -4.94
CA MET A 86 -11.00 0.02 -4.02
CA MET A 86 -11.00 -0.01 -4.04
C MET A 86 -9.79 -0.88 -3.74
N GLY A 87 -9.09 -1.32 -4.77
CA GLY A 87 -8.07 -2.35 -4.64
C GLY A 87 -6.85 -1.96 -3.81
N LEU A 88 -6.32 -0.78 -4.08
CA LEU A 88 -5.10 -0.37 -3.41
C LEU A 88 -5.32 -0.24 -1.92
N ALA A 89 -6.46 0.27 -1.53
CA ALA A 89 -6.80 0.41 -0.14
C ALA A 89 -6.71 -0.93 0.55
N THR A 90 -7.19 -1.97 -0.10
CA THR A 90 -7.22 -3.30 0.58
C THR A 90 -5.79 -3.78 0.88
N GLN A 91 -4.88 -3.41 0.00
CA GLN A 91 -3.48 -3.91 0.08
C GLN A 91 -2.69 -3.13 1.12
N ILE A 92 -2.87 -1.79 1.11
CA ILE A 92 -2.33 -0.96 2.18
C ILE A 92 -2.94 -1.35 3.54
N ARG A 93 -4.23 -1.55 3.57
CA ARG A 93 -4.91 -1.91 4.80
C ARG A 93 -4.28 -3.19 5.39
N SER A 94 -4.08 -4.21 4.55
CA SER A 94 -3.55 -5.47 5.05
C SER A 94 -2.09 -5.35 5.47
N ALA A 95 -1.29 -4.69 4.67
CA ALA A 95 0.13 -4.46 5.03
C ALA A 95 0.20 -3.76 6.39
N ARG A 96 -0.59 -2.72 6.62
CA ARG A 96 -0.45 -1.95 7.88
C ARG A 96 -1.10 -2.69 9.02
N ALA A 97 -2.11 -3.50 8.75
CA ALA A 97 -2.79 -4.23 9.83
C ALA A 97 -1.81 -5.28 10.36
N ALA A 98 -1.19 -5.98 9.42
CA ALA A 98 -0.20 -7.00 9.83
C ALA A 98 0.98 -6.37 10.57
N ALA A 99 1.47 -5.22 10.06
CA ALA A 99 2.59 -4.59 10.66
C ALA A 99 2.26 -4.06 12.04
N TYR A 100 1.05 -3.52 12.23
CA TYR A 100 0.67 -2.99 13.54
C TYR A 100 0.58 -4.08 14.60
N LEU A 101 -0.12 -5.16 14.26
CA LEU A 101 -0.21 -6.33 15.13
C LEU A 101 1.19 -6.92 15.42
N LYS A 102 2.04 -7.02 14.39
CA LYS A 102 3.40 -7.53 14.57
C LYS A 102 4.20 -6.66 15.51
N GLY A 103 3.98 -5.33 15.44
CA GLY A 103 4.73 -4.43 16.34
C GLY A 103 4.39 -4.65 17.77
N SER A 104 3.13 -4.92 18.08
CA SER A 104 2.78 -5.19 19.44
C SER A 104 3.26 -6.56 19.93
N ILE A 105 3.11 -7.59 19.09
CA ILE A 105 3.65 -8.90 19.42
C ILE A 105 5.15 -8.80 19.70
N ASP A 106 5.88 -8.15 18.82
CA ASP A 106 7.34 -8.12 18.96
C ASP A 106 7.74 -7.39 20.26
N GLU A 107 7.04 -6.30 20.54
CA GLU A 107 7.37 -5.48 21.73
C GLU A 107 7.12 -6.33 22.99
N PHE A 108 5.97 -7.01 23.05
CA PHE A 108 5.65 -7.78 24.27
C PHE A 108 6.60 -8.98 24.40
N LEU A 109 6.81 -9.72 23.31
CA LEU A 109 7.77 -10.83 23.37
C LEU A 109 9.16 -10.37 23.79
N ASN A 110 9.62 -9.26 23.21
CA ASN A 110 10.90 -8.70 23.57
C ASN A 110 10.94 -8.39 25.08
N LEU A 111 9.84 -7.82 25.63
CA LEU A 111 9.86 -7.44 27.02
C LEU A 111 9.98 -8.73 27.88
N LEU A 112 9.19 -9.76 27.56
CA LEU A 112 9.25 -11.00 28.31
C LEU A 112 10.64 -11.60 28.21
N GLU A 113 11.23 -11.60 27.02
CA GLU A 113 12.61 -12.08 26.89
C GLU A 113 13.59 -11.34 27.77
N SER A 114 13.35 -10.06 27.91
CA SER A 114 14.28 -9.17 28.62
C SER A 114 14.17 -9.23 30.12
N LEU A 115 13.11 -9.81 30.64
CA LEU A 115 12.92 -9.88 32.07
C LEU A 115 13.50 -11.19 32.62
N LYS A 116 14.77 -11.37 32.36
CA LYS A 116 15.54 -12.55 32.73
C LYS A 116 16.60 -12.05 33.70
N GLY A 117 16.65 -12.66 34.86
CA GLY A 117 17.51 -12.19 35.91
C GLY A 117 17.83 -13.33 36.88
N GLY A 118 19.07 -13.81 36.79
CA GLY A 118 19.49 -14.97 37.64
C GLY A 118 18.56 -16.17 37.55
N SER A 119 18.47 -16.94 38.65
CA SER A 119 17.65 -18.13 38.67
C SER A 119 16.20 -17.77 38.93
N GLU A 120 15.95 -16.60 39.50
CA GLU A 120 14.59 -16.26 40.01
C GLU A 120 13.66 -15.55 39.01
N ASN A 121 14.16 -15.07 37.89
CA ASN A 121 13.32 -14.29 36.96
C ASN A 121 13.54 -14.81 35.57
N LYS A 122 12.49 -15.45 35.03
CA LYS A 122 12.56 -15.99 33.69
C LYS A 122 11.15 -15.99 33.15
N CYS A 123 10.94 -15.34 31.99
CA CYS A 123 9.55 -15.18 31.48
C CYS A 123 9.17 -16.00 30.23
N LEU A 124 10.12 -16.24 29.38
CA LEU A 124 9.90 -17.15 28.26
C LEU A 124 10.67 -18.41 28.59
N VAL A 125 9.93 -19.43 28.94
CA VAL A 125 10.51 -20.67 29.38
C VAL A 125 10.11 -21.82 28.50
N THR A 126 10.71 -23.00 28.76
CA THR A 126 10.49 -24.12 27.90
C THR A 126 9.29 -24.90 28.40
N THR A 127 9.53 -25.87 29.29
CA THR A 127 8.48 -26.75 29.82
C THR A 127 8.40 -26.69 31.37
N ASN A 128 9.24 -25.88 32.03
CA ASN A 128 9.25 -25.74 33.50
C ASN A 128 9.70 -24.33 33.81
N ALA A 129 9.50 -23.95 35.05
CA ALA A 129 9.74 -22.56 35.46
C ALA A 129 11.15 -22.13 35.45
N ASP A 130 12.10 -23.09 35.40
CA ASP A 130 13.53 -22.79 35.56
C ASP A 130 14.43 -22.67 34.33
N THR A 131 13.84 -22.89 33.15
CA THR A 131 14.59 -23.08 31.95
C THR A 131 14.13 -22.04 30.96
N ALA A 132 14.90 -20.98 30.88
CA ALA A 132 14.65 -19.92 29.86
C ALA A 132 14.91 -20.47 28.47
N ALA A 133 14.11 -20.02 27.51
CA ALA A 133 14.41 -20.19 26.12
C ALA A 133 15.74 -19.57 25.84
N THR A 134 16.48 -20.14 24.90
CA THR A 134 17.77 -19.65 24.54
C THR A 134 17.73 -18.97 23.23
N ARG A 135 18.16 -17.71 23.20
CA ARG A 135 18.22 -17.02 21.93
C ARG A 135 19.52 -17.33 21.29
N ARG A 136 19.47 -17.71 20.02
CA ARG A 136 20.63 -17.81 19.15
C ARG A 136 20.34 -17.05 17.88
N GLU A 137 20.90 -15.87 17.74
CA GLU A 137 20.61 -15.01 16.57
C GLU A 137 19.13 -14.76 16.49
N THR A 138 18.48 -15.19 15.42
CA THR A 138 17.05 -14.88 15.22
C THR A 138 16.12 -15.94 15.80
N LYS A 139 16.66 -16.99 16.38
CA LYS A 139 15.93 -18.15 16.89
C LYS A 139 15.77 -18.08 18.42
N LEU A 140 14.63 -18.54 18.91
CA LEU A 140 14.43 -18.81 20.31
C LEU A 140 14.21 -20.28 20.38
N ASP A 141 15.11 -20.94 21.09
CA ASP A 141 15.33 -22.38 20.93
C ASP A 141 15.34 -22.79 19.47
N ASP A 142 14.44 -23.62 19.09
CA ASP A 142 14.53 -24.03 17.69
C ASP A 142 13.58 -23.25 16.80
N GLN A 143 12.93 -22.19 17.29
CA GLN A 143 11.88 -21.52 16.54
C GLN A 143 12.38 -20.16 16.06
N GLU A 144 12.28 -19.89 14.76
CA GLU A 144 12.56 -18.57 14.27
C GLU A 144 11.64 -17.57 15.00
N CYS A 145 12.26 -16.53 15.51
CA CYS A 145 11.56 -15.47 16.24
C CYS A 145 12.33 -14.15 16.17
N ALA A 146 12.35 -13.58 14.97
CA ALA A 146 13.12 -12.38 14.73
C ALA A 146 12.13 -11.28 15.10
N LEU A 147 12.50 -10.52 16.09
CA LEU A 147 11.53 -9.42 16.54
C LEU A 147 11.95 -8.17 15.73
N SER A 148 11.79 -8.30 14.42
CA SER A 148 12.18 -7.27 13.49
C SER A 148 11.33 -7.34 12.25
N MET A 149 11.37 -6.31 11.41
CA MET A 149 10.59 -6.26 10.21
C MET A 149 11.54 -6.23 9.04
N PRO A 150 11.33 -7.10 7.99
CA PRO A 150 12.31 -7.11 6.93
C PRO A 150 12.08 -5.98 5.91
N GLU A 151 13.05 -5.79 5.05
CA GLU A 151 12.89 -4.88 3.92
C GLU A 151 11.66 -5.26 3.11
N THR A 152 10.94 -4.24 2.61
CA THR A 152 9.77 -4.49 1.80
C THR A 152 10.26 -4.75 0.37
N LYS A 153 9.98 -5.96 -0.06
CA LYS A 153 10.29 -6.46 -1.39
C LYS A 153 9.29 -7.56 -1.74
N PRO A 154 9.20 -7.90 -3.01
CA PRO A 154 8.13 -8.86 -3.32
C PRO A 154 8.35 -10.17 -2.55
N GLU A 155 7.29 -10.72 -1.97
CA GLU A 155 7.37 -11.95 -1.18
C GLU A 155 6.16 -12.76 -1.41
N ALA A 156 6.31 -14.06 -1.14
CA ALA A 156 5.17 -14.93 -1.01
C ALA A 156 5.17 -15.33 0.48
N ALA A 157 4.16 -14.89 1.20
CA ALA A 157 4.00 -15.19 2.64
C ALA A 157 3.35 -16.54 2.87
N THR A 158 3.59 -17.10 4.06
CA THR A 158 2.90 -18.30 4.44
C THR A 158 1.47 -17.99 4.85
N ARG A 159 0.64 -19.03 4.88
CA ARG A 159 -0.77 -18.89 5.14
C ARG A 159 -1.25 -19.88 6.17
N THR A 160 -0.34 -20.29 7.07
CA THR A 160 -0.73 -21.25 8.08
C THR A 160 -1.05 -20.64 9.39
N GLU A 161 -0.49 -19.44 9.67
CA GLU A 161 -0.64 -18.89 11.00
C GLU A 161 -1.85 -17.95 11.11
N LEU A 162 -2.24 -17.35 9.98
CA LEU A 162 -3.41 -16.47 9.96
C LEU A 162 -4.17 -16.85 8.72
N THR A 163 -5.22 -17.62 8.95
CA THR A 163 -5.96 -18.26 7.84
C THR A 163 -7.27 -17.55 7.65
N GLN A 164 -8.10 -18.02 6.71
CA GLN A 164 -9.45 -17.49 6.55
C GLN A 164 -10.27 -17.54 7.83
N THR A 165 -10.02 -18.57 8.64
CA THR A 165 -10.80 -18.82 9.81
C THR A 165 -10.35 -18.02 11.00
N GLY A 166 -9.03 -17.90 11.15
CA GLY A 166 -8.48 -17.22 12.29
C GLY A 166 -7.01 -17.52 12.51
N TYR A 167 -6.62 -17.63 13.75
CA TYR A 167 -5.25 -17.90 14.14
C TYR A 167 -5.19 -19.28 14.78
N PRO A 168 -5.04 -20.30 13.96
CA PRO A 168 -5.36 -21.68 14.46
C PRO A 168 -4.37 -22.24 15.47
N ASN A 169 -3.14 -21.74 15.44
CA ASN A 169 -2.10 -22.29 16.34
C ASN A 169 -1.97 -21.57 17.66
N LEU A 170 -2.59 -20.38 17.81
CA LEU A 170 -2.60 -19.72 19.10
C LEU A 170 -3.41 -20.45 20.09
N GLN A 171 -2.82 -20.65 21.25
CA GLN A 171 -3.48 -21.36 22.34
C GLN A 171 -4.46 -20.50 23.03
N HIS A 172 -5.38 -21.14 23.75
CA HIS A 172 -6.39 -20.41 24.50
C HIS A 172 -6.65 -21.16 25.83
N GLY A 173 -6.91 -20.40 26.86
CA GLY A 173 -7.27 -20.94 28.14
C GLY A 173 -6.52 -20.21 29.22
N GLY A 174 -6.30 -20.89 30.32
CA GLY A 174 -5.63 -20.30 31.46
C GLY A 174 -6.62 -19.68 32.41
N GLY A 175 -6.12 -18.77 33.24
CA GLY A 175 -6.98 -18.04 34.18
C GLY A 175 -7.30 -18.73 35.48
N GLY A 176 -6.77 -19.94 35.68
CA GLY A 176 -6.84 -20.66 36.97
C GLY A 176 -5.48 -21.05 37.52
N THR A 177 -5.41 -22.28 38.03
CA THR A 177 -4.16 -22.80 38.62
C THR A 177 -3.82 -24.17 38.05
N ALA A 178 -4.20 -24.42 36.81
CA ALA A 178 -4.08 -25.73 36.20
C ALA A 178 -2.69 -26.02 35.60
N ASN A 179 -1.78 -25.06 35.68
CA ASN A 179 -0.46 -25.16 35.06
C ASN A 179 -0.47 -25.30 33.56
N THR A 180 -1.44 -24.67 32.90
CA THR A 180 -1.66 -24.97 31.49
C THR A 180 -0.62 -24.30 30.62
N PHE A 181 -0.52 -22.98 30.70
CA PHE A 181 0.49 -22.23 29.86
C PHE A 181 1.64 -21.63 30.69
N GLN A 182 1.58 -21.79 32.00
CA GLN A 182 2.59 -21.36 32.97
C GLN A 182 2.78 -22.59 33.88
N PRO A 183 4.01 -23.06 34.02
CA PRO A 183 4.21 -24.32 34.75
C PRO A 183 4.06 -24.20 36.26
N THR A 184 4.23 -25.34 36.94
CA THR A 184 4.27 -25.32 38.38
C THR A 184 5.44 -24.50 38.90
N THR A 185 5.37 -24.14 40.19
CA THR A 185 6.42 -23.34 40.80
C THR A 185 7.69 -24.21 40.88
N SER A 186 8.82 -23.57 40.80
CA SER A 186 10.09 -24.24 41.07
C SER A 186 10.93 -23.15 41.65
N THR A 187 11.77 -22.50 40.86
CA THR A 187 12.61 -21.36 41.29
C THR A 187 12.36 -20.11 40.42
N GLY A 188 12.40 -20.28 39.11
CA GLY A 188 12.14 -19.13 38.19
C GLY A 188 10.71 -18.61 38.30
N THR A 189 10.56 -17.32 38.11
CA THR A 189 9.22 -16.71 38.17
C THR A 189 9.15 -15.60 37.13
N CYS A 190 7.96 -15.21 36.71
CA CYS A 190 7.75 -14.05 35.85
C CYS A 190 6.63 -13.29 36.53
N LYS A 191 7.01 -12.36 37.42
CA LYS A 191 6.05 -11.62 38.20
C LYS A 191 5.16 -10.76 37.31
N LEU A 192 5.67 -10.36 36.12
CA LEU A 192 4.90 -9.48 35.22
C LEU A 192 3.56 -10.15 34.92
N LEU A 193 3.53 -11.50 34.96
CA LEU A 193 2.33 -12.21 34.58
C LEU A 193 1.32 -12.31 35.70
N SER A 194 1.57 -11.67 36.85
CA SER A 194 0.53 -11.61 37.90
C SER A 194 0.44 -10.21 38.41
N GLY A 195 -0.77 -9.66 38.35
CA GLY A 195 -1.04 -8.33 38.93
C GLY A 195 -1.53 -8.39 40.39
N HIS A 196 -1.30 -9.50 41.09
CA HIS A 196 -1.61 -9.57 42.53
C HIS A 196 -0.36 -9.31 43.34
N SER A 197 -0.48 -8.66 44.49
CA SER A 197 0.71 -8.10 45.17
C SER A 197 1.56 -9.07 46.05
N THR A 198 0.98 -10.18 46.45
CA THR A 198 1.74 -11.08 47.37
C THR A 198 2.87 -11.75 46.62
N ASN A 199 2.59 -12.30 45.42
CA ASN A 199 3.65 -12.97 44.63
C ASN A 199 3.92 -12.33 43.25
N GLY A 200 3.04 -11.47 42.81
CA GLY A 200 3.21 -10.82 41.52
C GLY A 200 3.93 -9.52 41.49
N TYR A 201 3.70 -8.79 40.40
CA TYR A 201 4.36 -7.56 40.07
C TYR A 201 4.19 -6.43 41.10
N PRO A 202 2.94 -6.02 41.46
CA PRO A 202 2.79 -4.77 42.16
C PRO A 202 3.14 -4.85 43.65
N THR A 203 3.57 -3.71 44.22
CA THR A 203 3.84 -3.55 45.64
C THR A 203 2.58 -3.20 46.39
N THR A 204 2.33 -3.98 47.44
CA THR A 204 1.21 -3.75 48.42
C THR A 204 -0.21 -3.93 47.90
N SER A 205 -0.56 -3.26 46.82
CA SER A 205 -1.92 -3.25 46.34
C SER A 205 -1.88 -4.03 45.07
N ALA A 206 -2.89 -4.83 44.82
CA ALA A 206 -3.02 -5.47 43.52
C ALA A 206 -3.29 -4.41 42.43
N LEU A 207 -3.13 -4.79 41.16
CA LEU A 207 -3.54 -3.89 40.11
C LEU A 207 -5.03 -3.57 40.24
N ASP A 208 -5.42 -2.32 39.97
CA ASP A 208 -6.81 -1.93 40.09
C ASP A 208 -7.78 -2.74 39.21
N THR A 209 -7.30 -3.11 38.00
CA THR A 209 -8.01 -3.98 37.11
C THR A 209 -7.03 -5.01 36.52
N THR A 210 -7.61 -6.06 35.93
CA THR A 210 -6.87 -6.98 35.08
C THR A 210 -6.26 -6.16 33.94
N ALA A 211 -5.12 -6.61 33.42
CA ALA A 211 -4.44 -5.89 32.33
C ALA A 211 -4.54 -6.71 31.06
N LYS A 212 -4.82 -6.03 29.93
CA LYS A 212 -4.87 -6.65 28.62
CA LYS A 212 -4.88 -6.66 28.63
C LYS A 212 -3.60 -6.28 27.90
N VAL A 213 -2.86 -7.31 27.48
CA VAL A 213 -1.57 -7.11 26.78
C VAL A 213 -1.59 -7.94 25.50
N LEU A 214 -0.51 -7.88 24.73
CA LEU A 214 -0.45 -8.53 23.43
C LEU A 214 -1.67 -8.09 22.59
N ALA A 215 -1.94 -6.78 22.61
CA ALA A 215 -3.08 -6.19 21.87
C ALA A 215 -4.41 -6.90 22.13
N GLY A 216 -4.62 -7.29 23.37
CA GLY A 216 -5.87 -7.89 23.80
C GLY A 216 -5.90 -9.41 23.88
N TYR A 217 -4.88 -10.09 23.40
CA TYR A 217 -4.88 -11.53 23.42
C TYR A 217 -4.74 -12.08 24.83
N MET A 218 -3.88 -11.44 25.61
CA MET A 218 -3.49 -11.96 26.92
C MET A 218 -4.06 -11.08 28.02
N THR A 219 -4.63 -11.72 29.04
CA THR A 219 -5.09 -11.00 30.24
C THR A 219 -4.14 -11.36 31.39
N ILE A 220 -3.56 -10.35 32.07
CA ILE A 220 -2.77 -10.51 33.25
C ILE A 220 -3.75 -10.29 34.45
N PRO A 221 -3.88 -11.28 35.31
CA PRO A 221 -4.86 -11.24 36.38
C PRO A 221 -4.46 -10.28 37.48
N ASN A 222 -5.45 -9.81 38.24
CA ASN A 222 -5.10 -9.12 39.52
C ASN A 222 -5.53 -9.99 40.71
N THR A 223 -5.56 -11.31 40.50
CA THR A 223 -5.90 -12.33 41.50
C THR A 223 -4.80 -13.39 41.34
N GLN A 224 -4.71 -14.32 42.28
CA GLN A 224 -3.65 -15.34 42.30
C GLN A 224 -3.94 -16.49 41.38
N VAL A 225 -3.91 -16.18 40.09
CA VAL A 225 -4.15 -17.20 39.06
C VAL A 225 -3.17 -16.98 37.90
N GLU A 226 -3.30 -17.82 36.91
CA GLU A 226 -2.51 -17.74 35.67
C GLU A 226 -3.12 -16.71 34.73
N ALA A 227 -2.28 -16.19 33.87
CA ALA A 227 -2.76 -15.36 32.77
C ALA A 227 -3.77 -16.10 31.90
N THR A 228 -4.64 -15.35 31.18
CA THR A 228 -5.61 -15.95 30.32
C THR A 228 -5.22 -15.64 28.87
N LEU A 229 -5.41 -16.60 27.98
CA LEU A 229 -5.13 -16.40 26.57
C LEU A 229 -6.48 -16.60 25.88
N ALA A 230 -6.84 -15.63 25.05
CA ALA A 230 -8.12 -15.58 24.45
C ALA A 230 -8.16 -16.58 23.30
N ASN A 231 -9.37 -16.97 22.91
CA ASN A 231 -9.52 -17.84 21.76
C ASN A 231 -9.58 -17.04 20.46
N MET A 232 -8.49 -17.16 19.69
CA MET A 232 -8.29 -16.42 18.46
C MET A 232 -8.45 -17.37 17.25
N GLN A 233 -8.77 -18.65 17.49
CA GLN A 233 -8.82 -19.65 16.45
C GLN A 233 -10.02 -19.39 15.55
N ALA A 234 -11.17 -19.06 16.10
CA ALA A 234 -12.42 -18.85 15.35
C ALA A 234 -12.70 -17.37 15.44
N MET A 235 -12.10 -16.61 14.58
CA MET A 235 -12.29 -15.14 14.64
C MET A 235 -13.72 -14.75 14.21
N GLY A 236 -14.19 -13.62 14.70
CA GLY A 236 -15.51 -13.09 14.30
C GLY A 236 -15.75 -11.72 14.87
N ASN A 237 -17.00 -11.29 14.78
CA ASN A 237 -17.34 -9.89 15.06
C ASN A 237 -16.96 -9.43 16.45
N GLY A 238 -17.12 -10.31 17.41
CA GLY A 238 -16.80 -9.97 18.77
C GLY A 238 -15.36 -9.58 19.08
N HIS A 239 -14.41 -10.09 18.30
CA HIS A 239 -13.05 -9.66 18.40
C HIS A 239 -12.85 -8.21 18.06
N LYS A 240 -13.75 -7.60 17.28
CA LYS A 240 -13.60 -6.14 17.05
C LYS A 240 -13.60 -5.36 18.36
N ALA A 241 -14.33 -5.86 19.37
CA ALA A 241 -14.38 -5.21 20.69
C ALA A 241 -13.23 -5.65 21.52
N THR A 242 -12.98 -6.96 21.60
CA THR A 242 -11.99 -7.49 22.55
C THR A 242 -10.52 -7.50 22.12
N ALA A 243 -10.29 -7.49 20.80
CA ALA A 243 -8.95 -7.66 20.30
C ALA A 243 -8.90 -7.00 18.93
N PRO A 244 -9.18 -5.69 18.88
CA PRO A 244 -9.35 -5.07 17.55
C PRO A 244 -8.17 -5.26 16.61
N ALA A 245 -6.92 -5.12 17.05
CA ALA A 245 -5.82 -5.29 16.10
C ALA A 245 -5.80 -6.68 15.49
N TRP A 246 -6.20 -7.70 16.25
CA TRP A 246 -6.26 -9.09 15.77
C TRP A 246 -7.40 -9.27 14.78
N HIS A 247 -8.54 -8.71 15.09
CA HIS A 247 -9.65 -8.75 14.14
C HIS A 247 -9.25 -8.01 12.86
N GLU A 248 -8.57 -6.85 12.98
CA GLU A 248 -8.24 -6.08 11.84
C GLU A 248 -7.24 -6.77 10.89
N ALA A 249 -6.18 -7.38 11.43
CA ALA A 249 -5.27 -8.17 10.55
C ALA A 249 -5.98 -9.32 9.88
N TRP A 250 -6.86 -9.98 10.61
CA TRP A 250 -7.59 -11.10 10.04
C TRP A 250 -8.52 -10.72 8.90
N GLU A 251 -9.36 -9.76 9.17
CA GLU A 251 -10.32 -9.27 8.17
C GLU A 251 -9.59 -8.64 6.99
N ALA A 252 -8.55 -7.84 7.24
CA ALA A 252 -7.86 -7.21 6.14
C ALA A 252 -7.19 -8.27 5.27
N ARG A 253 -6.63 -9.30 5.90
CA ARG A 253 -6.03 -10.32 5.08
C ARG A 253 -7.05 -10.99 4.18
N ASN A 254 -8.21 -11.30 4.76
CA ASN A 254 -9.25 -11.96 3.96
C ASN A 254 -9.73 -11.07 2.84
N ARG A 255 -9.70 -9.76 3.02
CA ARG A 255 -10.23 -8.80 2.00
C ARG A 255 -9.23 -8.26 0.99
N GLU A 256 -8.04 -8.85 0.92
CA GLU A 256 -7.02 -8.37 0.01
C GLU A 256 -7.51 -8.53 -1.43
N ALA A 257 -7.32 -7.45 -2.21
CA ALA A 257 -7.48 -7.54 -3.70
C ALA A 257 -6.36 -8.40 -4.28
N LYS A 258 -6.69 -9.19 -5.27
CA LYS A 258 -5.78 -10.07 -5.94
C LYS A 258 -5.78 -9.80 -7.42
N ALA A 259 -4.64 -10.00 -8.03
CA ALA A 259 -4.48 -9.82 -9.44
C ALA A 259 -5.38 -10.72 -10.25
N LYS A 260 -5.68 -11.90 -9.74
CA LYS A 260 -6.63 -12.79 -10.36
C LYS A 260 -8.10 -12.41 -10.26
N ASP A 261 -8.44 -11.32 -9.57
CA ASP A 261 -9.80 -10.91 -9.38
C ASP A 261 -10.39 -10.47 -10.74
N LEU A 262 -11.70 -10.52 -10.78
CA LEU A 262 -12.51 -10.08 -11.94
C LEU A 262 -12.11 -8.72 -12.47
N ALA A 263 -11.87 -7.79 -11.56
CA ALA A 263 -11.51 -6.43 -11.96
C ALA A 263 -10.25 -6.33 -12.82
N TYR A 264 -9.34 -7.28 -12.71
CA TYR A 264 -8.01 -7.18 -13.27
C TYR A 264 -7.66 -8.32 -14.21
N THR A 265 -8.69 -9.04 -14.70
CA THR A 265 -8.49 -10.15 -15.60
C THR A 265 -9.50 -10.09 -16.70
N ASN A 266 -9.21 -10.78 -17.78
CA ASN A 266 -10.15 -10.95 -18.86
C ASN A 266 -11.38 -11.73 -18.44
N GLU A 267 -12.51 -11.38 -19.04
CA GLU A 267 -13.77 -12.09 -18.80
C GLU A 267 -13.69 -13.46 -19.45
N THR A 268 -14.45 -14.39 -18.88
CA THR A 268 -14.52 -15.79 -19.24
C THR A 268 -15.98 -16.24 -19.52
N GLY A 269 -16.07 -17.40 -20.15
CA GLY A 269 -17.30 -18.02 -20.51
C GLY A 269 -17.74 -17.65 -21.93
N ASN A 270 -18.93 -18.08 -22.26
CA ASN A 270 -19.45 -17.79 -23.58
C ASN A 270 -19.55 -16.29 -23.78
N LEU A 271 -19.45 -15.89 -25.04
CA LEU A 271 -19.23 -14.48 -25.41
C LEU A 271 -20.35 -13.57 -24.91
N ASP A 272 -21.57 -14.11 -24.91
CA ASP A 272 -22.71 -13.29 -24.53
C ASP A 272 -22.87 -13.22 -22.99
N THR A 273 -22.04 -13.92 -22.26
CA THR A 273 -21.99 -13.88 -20.78
C THR A 273 -20.83 -13.09 -20.26
N GLN A 274 -20.03 -12.51 -21.17
CA GLN A 274 -18.93 -11.62 -20.81
C GLN A 274 -19.53 -10.22 -20.79
N PRO A 275 -19.75 -9.67 -19.58
CA PRO A 275 -20.67 -8.50 -19.57
C PRO A 275 -20.13 -7.27 -20.28
N THR A 276 -18.80 -7.12 -20.31
CA THR A 276 -18.22 -5.93 -20.93
C THR A 276 -18.34 -6.14 -22.44
N LEU A 277 -18.04 -7.35 -22.90
CA LEU A 277 -18.18 -7.66 -24.33
C LEU A 277 -19.60 -7.43 -24.80
N LYS A 278 -20.55 -8.00 -24.09
CA LYS A 278 -21.93 -7.94 -24.50
C LYS A 278 -22.40 -6.49 -24.54
N ALA A 279 -22.01 -5.72 -23.50
CA ALA A 279 -22.45 -4.27 -23.43
C ALA A 279 -21.89 -3.48 -24.58
N LEU A 280 -20.66 -3.81 -24.97
CA LEU A 280 -20.06 -3.06 -26.12
C LEU A 280 -20.70 -3.42 -27.47
N VAL A 281 -21.33 -4.60 -27.60
CA VAL A 281 -21.98 -4.96 -28.81
C VAL A 281 -23.10 -3.94 -29.02
N LYS A 282 -23.81 -3.67 -27.97
CA LYS A 282 -24.92 -2.74 -27.98
C LYS A 282 -24.40 -1.30 -28.13
N THR A 283 -23.38 -0.94 -27.39
CA THR A 283 -22.76 0.39 -27.49
C THR A 283 -22.20 0.74 -28.85
N LEU A 284 -21.43 -0.17 -29.47
CA LEU A 284 -20.65 0.16 -30.68
C LEU A 284 -21.22 -0.37 -31.96
N LEU A 285 -22.00 -1.45 -31.92
CA LEU A 285 -22.33 -2.16 -33.15
C LEU A 285 -23.82 -2.21 -33.51
N LEU A 286 -24.71 -2.21 -32.54
CA LEU A 286 -26.13 -2.31 -32.83
C LEU A 286 -26.71 -0.96 -33.24
N PRO A 287 -27.66 -0.93 -34.17
CA PRO A 287 -28.46 0.28 -34.32
C PRO A 287 -29.17 0.70 -33.04
N LYS A 288 -29.37 2.02 -32.84
CA LYS A 288 -30.04 2.52 -31.61
C LYS A 288 -31.52 2.12 -31.63
N ASP A 289 -32.08 1.89 -32.80
CA ASP A 289 -33.50 1.47 -32.89
C ASP A 289 -33.72 -0.02 -32.98
N ASN A 290 -32.69 -0.81 -32.61
CA ASN A 290 -32.80 -2.25 -32.59
C ASN A 290 -34.02 -2.68 -31.79
N THR A 291 -34.79 -3.57 -32.38
CA THR A 291 -35.99 -4.02 -31.76
C THR A 291 -35.89 -5.41 -31.17
N GLU A 292 -34.82 -6.13 -31.43
CA GLU A 292 -34.74 -7.55 -31.09
C GLU A 292 -34.27 -7.90 -29.70
N HIS A 293 -34.93 -8.92 -29.17
CA HIS A 293 -34.56 -9.66 -28.00
C HIS A 293 -33.22 -10.37 -28.29
N ASN A 294 -32.32 -10.37 -27.32
CA ASN A 294 -31.04 -11.07 -27.45
C ASN A 294 -30.30 -10.68 -28.71
N ALA A 295 -30.38 -9.39 -29.04
CA ALA A 295 -29.71 -8.86 -30.21
C ALA A 295 -28.18 -8.98 -30.09
N GLU A 296 -27.68 -8.87 -28.88
CA GLU A 296 -26.21 -8.97 -28.69
C GLU A 296 -25.67 -10.35 -29.03
N ALA A 297 -26.34 -11.37 -28.52
CA ALA A 297 -26.00 -12.76 -28.83
C ALA A 297 -26.04 -13.07 -30.32
N THR A 298 -27.08 -12.59 -30.98
CA THR A 298 -27.23 -12.77 -32.43
C THR A 298 -26.14 -12.11 -33.16
N LYS A 299 -25.79 -10.87 -32.79
CA LYS A 299 -24.70 -10.18 -33.47
C LYS A 299 -23.37 -10.88 -33.24
N LEU A 300 -23.12 -11.33 -31.99
CA LEU A 300 -21.89 -12.05 -31.71
C LEU A 300 -21.75 -13.33 -32.55
N GLU A 301 -22.85 -14.02 -32.75
CA GLU A 301 -22.82 -15.27 -33.57
C GLU A 301 -22.49 -14.93 -35.03
N ALA A 302 -23.08 -13.82 -35.51
CA ALA A 302 -22.77 -13.34 -36.86
C ALA A 302 -21.38 -12.85 -37.04
N LEU A 303 -20.77 -12.37 -35.98
CA LEU A 303 -19.42 -11.84 -36.05
C LEU A 303 -18.35 -12.93 -35.97
N PHE A 304 -18.57 -13.86 -35.05
CA PHE A 304 -17.54 -14.76 -34.54
C PHE A 304 -17.86 -16.25 -34.85
N GLY A 305 -19.03 -16.53 -35.38
CA GLY A 305 -19.32 -17.91 -35.71
C GLY A 305 -19.88 -18.76 -34.61
N GLY A 306 -20.26 -18.15 -33.49
CA GLY A 306 -20.78 -18.89 -32.31
C GLY A 306 -20.50 -18.07 -31.04
N LEU A 307 -20.84 -18.63 -29.91
CA LEU A 307 -20.68 -17.96 -28.61
C LEU A 307 -19.59 -18.59 -27.74
N ALA A 308 -18.93 -19.64 -28.20
CA ALA A 308 -17.88 -20.20 -27.36
C ALA A 308 -16.76 -19.17 -27.22
N ALA A 309 -16.12 -19.16 -26.05
CA ALA A 309 -15.11 -18.15 -25.76
C ALA A 309 -13.98 -18.16 -26.75
N ASP A 310 -13.62 -19.32 -27.27
CA ASP A 310 -12.47 -19.37 -28.19
C ASP A 310 -12.74 -18.82 -29.60
N LYS A 311 -13.96 -18.33 -29.86
CA LYS A 311 -14.30 -17.79 -31.18
C LYS A 311 -13.57 -16.46 -31.46
N THR A 312 -13.09 -15.78 -30.42
CA THR A 312 -12.29 -14.56 -30.66
C THR A 312 -10.85 -14.86 -31.05
N LYS A 313 -10.40 -16.10 -30.88
CA LYS A 313 -8.98 -16.38 -30.96
C LYS A 313 -8.36 -16.10 -32.33
N THR A 314 -9.02 -16.48 -33.43
CA THR A 314 -8.45 -16.26 -34.77
C THR A 314 -8.24 -14.80 -35.05
N TYR A 315 -9.12 -13.91 -34.51
CA TYR A 315 -8.96 -12.49 -34.65
C TYR A 315 -7.72 -11.94 -33.87
N LEU A 316 -7.58 -12.41 -32.64
CA LEU A 316 -6.45 -11.97 -31.80
C LEU A 316 -5.13 -12.51 -32.42
N ASP A 317 -5.17 -13.72 -32.92
CA ASP A 317 -4.01 -14.31 -33.64
C ASP A 317 -3.59 -13.52 -34.86
N MET A 318 -4.56 -13.06 -35.64
CA MET A 318 -4.33 -12.20 -36.77
C MET A 318 -3.66 -10.89 -36.36
N VAL A 319 -4.08 -10.32 -35.24
CA VAL A 319 -3.44 -9.11 -34.73
C VAL A 319 -1.96 -9.38 -34.35
N ASP A 320 -1.76 -10.45 -33.61
CA ASP A 320 -0.41 -10.86 -33.17
C ASP A 320 0.59 -11.10 -34.30
N ALA A 321 0.13 -11.61 -35.43
CA ALA A 321 1.00 -11.93 -36.56
C ALA A 321 1.38 -10.70 -37.38
N GLU A 322 0.70 -9.57 -37.14
CA GLU A 322 0.86 -8.42 -37.97
C GLU A 322 2.26 -7.84 -37.74
N ILE A 323 3.01 -7.64 -38.82
CA ILE A 323 4.37 -7.17 -38.70
C ILE A 323 4.45 -5.65 -38.69
N ILE A 324 5.18 -5.12 -37.73
CA ILE A 324 5.48 -3.71 -37.70
C ILE A 324 6.89 -3.54 -38.26
N PRO A 325 6.99 -2.84 -39.37
CA PRO A 325 8.28 -2.71 -40.04
C PRO A 325 9.24 -1.82 -39.33
N ALA A 326 10.52 -2.09 -39.56
CA ALA A 326 11.56 -1.18 -39.14
C ALA A 326 11.26 0.17 -39.76
N GLY A 327 11.50 1.23 -39.00
CA GLY A 327 11.17 2.60 -39.43
C GLY A 327 9.94 3.23 -38.75
N ILE A 328 8.97 2.44 -38.32
CA ILE A 328 7.83 2.96 -37.56
C ILE A 328 8.34 3.29 -36.15
N ALA A 329 8.05 4.49 -35.67
CA ALA A 329 8.43 4.92 -34.34
C ALA A 329 9.94 4.74 -34.04
N GLY A 330 10.76 4.93 -35.05
CA GLY A 330 12.24 4.80 -34.91
C GLY A 330 12.72 3.39 -34.64
N ARG A 331 11.86 2.39 -34.84
CA ARG A 331 12.24 1.01 -34.55
C ARG A 331 13.26 0.54 -35.55
N THR A 332 14.26 -0.16 -35.06
CA THR A 332 15.44 -0.58 -35.87
C THR A 332 15.15 -1.81 -36.72
N THR A 333 14.32 -2.71 -36.22
CA THR A 333 14.03 -3.98 -36.91
C THR A 333 12.56 -4.28 -36.90
N GLU A 334 12.10 -5.04 -37.87
CA GLU A 334 10.68 -5.42 -37.95
C GLU A 334 10.34 -6.37 -36.81
N ALA A 335 9.08 -6.38 -36.40
CA ALA A 335 8.60 -7.38 -35.42
C ALA A 335 7.07 -7.58 -35.48
N PRO A 336 6.60 -8.77 -35.18
CA PRO A 336 5.18 -8.98 -35.16
C PRO A 336 4.63 -8.44 -33.82
N LEU A 337 3.40 -7.95 -33.85
CA LEU A 337 2.79 -7.36 -32.66
C LEU A 337 2.84 -8.31 -31.50
N GLY A 338 2.62 -9.58 -31.78
CA GLY A 338 2.69 -10.60 -30.75
C GLY A 338 4.04 -10.63 -30.00
N LYS A 339 5.11 -10.06 -30.52
CA LYS A 339 6.37 -10.01 -29.74
C LYS A 339 6.63 -8.68 -29.10
N ILE A 340 5.70 -7.73 -29.18
CA ILE A 340 5.98 -6.37 -28.65
C ILE A 340 5.02 -6.23 -27.47
N HIS A 341 5.54 -6.16 -26.28
CA HIS A 341 4.69 -6.14 -25.07
C HIS A 341 4.77 -4.82 -24.26
N ASP A 342 5.79 -4.00 -24.53
CA ASP A 342 6.03 -2.82 -23.73
C ASP A 342 5.02 -1.76 -24.07
N THR A 343 4.32 -1.25 -23.05
CA THR A 343 3.29 -0.28 -23.31
C THR A 343 3.78 1.02 -23.89
N VAL A 344 4.94 1.48 -23.48
CA VAL A 344 5.48 2.71 -24.04
C VAL A 344 5.78 2.53 -25.51
N GLU A 345 6.46 1.43 -25.84
CA GLU A 345 6.66 1.12 -27.25
C GLU A 345 5.41 1.05 -28.07
N LEU A 346 4.39 0.39 -27.53
CA LEU A 346 3.14 0.22 -28.28
C LEU A 346 2.44 1.54 -28.48
N GLY A 347 2.44 2.39 -27.43
CA GLY A 347 1.97 3.77 -27.54
C GLY A 347 2.64 4.57 -28.66
N ASP A 348 3.94 4.47 -28.79
CA ASP A 348 4.67 5.13 -29.87
C ASP A 348 4.21 4.59 -31.26
N ILE A 349 4.07 3.26 -31.39
CA ILE A 349 3.67 2.69 -32.65
C ILE A 349 2.23 3.17 -33.03
N LEU A 350 1.33 3.15 -32.09
CA LEU A 350 -0.02 3.64 -32.34
C LEU A 350 0.01 5.11 -32.74
N SER A 351 0.79 5.90 -32.04
CA SER A 351 0.89 7.32 -32.41
C SER A 351 1.31 7.53 -33.87
N ASN A 352 2.32 6.79 -34.28
CA ASN A 352 2.86 6.89 -35.63
C ASN A 352 1.78 6.44 -36.63
N TYR A 353 1.10 5.34 -36.35
CA TYR A 353 0.06 4.89 -37.34
C TYR A 353 -1.16 5.75 -37.36
N GLU A 354 -1.57 6.38 -36.27
CA GLU A 354 -2.68 7.37 -36.34
C GLU A 354 -2.30 8.58 -37.30
N MET A 355 -1.03 8.98 -37.32
CA MET A 355 -0.59 10.04 -38.19
C MET A 355 -0.65 9.55 -39.61
N ILE A 356 -0.13 8.37 -39.84
CA ILE A 356 -0.12 7.75 -41.16
C ILE A 356 -1.52 7.58 -41.69
N ALA A 357 -2.43 7.21 -40.82
CA ALA A 357 -3.84 7.02 -41.22
C ALA A 357 -4.49 8.34 -41.63
N ALA A 358 -4.16 9.41 -40.90
CA ALA A 358 -4.65 10.75 -41.28
C ALA A 358 -4.06 11.15 -42.62
N GLN A 359 -2.76 10.92 -42.82
CA GLN A 359 -2.12 11.29 -44.04
C GLN A 359 -2.80 10.57 -45.20
N ASN A 360 -3.19 9.33 -44.98
CA ASN A 360 -3.87 8.49 -45.99
C ASN A 360 -5.12 9.16 -46.51
N VAL A 361 -5.95 9.67 -45.58
CA VAL A 361 -7.17 10.36 -45.93
C VAL A 361 -6.90 11.61 -46.74
N VAL A 362 -5.93 12.40 -46.33
CA VAL A 362 -5.60 13.61 -46.99
C VAL A 362 -5.19 13.28 -48.45
N THR A 363 -4.36 12.25 -48.62
CA THR A 363 -3.86 11.83 -49.95
C THR A 363 -5.05 11.36 -50.80
N LEU A 364 -5.91 10.52 -50.22
CA LEU A 364 -7.05 10.04 -50.94
C LEU A 364 -7.84 11.25 -51.42
N LYS A 365 -8.24 12.11 -50.50
CA LYS A 365 -9.08 13.24 -50.83
C LYS A 365 -8.47 14.11 -51.89
N LYS A 366 -7.14 14.24 -51.86
CA LYS A 366 -6.38 14.91 -52.88
C LYS A 366 -6.51 14.25 -54.28
N ASN A 367 -6.50 12.92 -54.32
CA ASN A 367 -6.60 12.18 -55.59
C ASN A 367 -8.02 12.29 -56.14
N LEU A 368 -8.98 12.31 -55.23
CA LEU A 368 -10.38 12.76 -55.43
C LEU A 368 -11.32 11.58 -55.30
N ALA B 1 13.99 8.64 42.42
CA ALA B 1 13.82 8.50 40.99
C ALA B 1 14.11 7.22 40.32
N GLU B 2 15.05 6.37 40.76
CA GLU B 2 14.95 4.95 40.38
C GLU B 2 13.50 4.59 40.62
N ARG B 3 12.92 3.86 39.68
CA ARG B 3 11.62 3.18 39.81
C ARG B 3 10.42 4.03 40.15
N THR B 4 10.47 5.33 39.84
CA THR B 4 9.24 6.08 39.84
C THR B 4 8.70 6.14 38.41
N GLY B 5 7.46 6.59 38.31
CA GLY B 5 6.74 6.56 37.03
C GLY B 5 7.32 7.58 36.07
N LEU B 6 6.91 7.44 34.80
CA LEU B 6 7.37 8.32 33.74
C LEU B 6 6.56 9.59 33.77
N LYS B 7 7.25 10.72 33.78
CA LYS B 7 6.64 12.05 33.72
C LYS B 7 5.97 12.29 32.34
N ALA B 8 4.95 13.14 32.35
CA ALA B 8 4.27 13.53 31.14
C ALA B 8 5.17 14.15 30.13
N THR B 9 6.24 14.82 30.55
CA THR B 9 7.18 15.40 29.62
C THR B 9 7.79 14.31 28.75
N ALA B 10 7.92 13.09 29.28
CA ALA B 10 8.52 11.99 28.52
C ALA B 10 7.50 11.22 27.70
N TRP B 11 6.34 10.90 28.29
CA TRP B 11 5.36 10.05 27.57
C TRP B 11 4.44 10.82 26.67
N LYS B 12 4.15 12.10 26.95
CA LYS B 12 3.26 12.83 26.02
C LYS B 12 3.79 12.95 24.57
N PRO B 13 5.10 13.13 24.38
CA PRO B 13 5.71 13.02 23.05
C PRO B 13 5.45 11.68 22.36
N LEU B 14 5.39 10.60 23.13
CA LEU B 14 5.03 9.29 22.56
C LEU B 14 3.58 9.22 22.13
N CYS B 15 2.71 9.84 22.92
CA CYS B 15 1.32 10.01 22.52
C CYS B 15 1.16 10.81 21.27
N LYS B 16 1.91 11.89 21.18
CA LYS B 16 1.85 12.72 20.00
C LYS B 16 2.31 11.94 18.75
N LEU B 17 3.39 11.18 18.92
CA LEU B 17 3.92 10.41 17.82
C LEU B 17 2.97 9.31 17.41
N THR B 18 2.39 8.57 18.35
CA THR B 18 1.44 7.55 17.91
C THR B 18 0.22 8.16 17.21
N THR B 19 -0.21 9.33 17.69
CA THR B 19 -1.29 10.05 17.02
C THR B 19 -0.91 10.40 15.58
N GLU B 20 0.30 10.94 15.36
CA GLU B 20 0.69 11.27 14.03
C GLU B 20 0.80 10.01 13.16
N LEU B 21 1.47 8.95 13.65
CA LEU B 21 1.67 7.73 12.88
C LEU B 21 0.39 7.07 12.50
N SER B 22 -0.67 7.33 13.24
CA SER B 22 -1.96 6.68 12.98
C SER B 22 -2.53 7.00 11.58
N LYS B 23 -2.18 8.15 11.03
CA LYS B 23 -2.63 8.57 9.71
C LYS B 23 -1.73 8.30 8.59
N VAL B 24 -0.55 7.73 8.83
CA VAL B 24 0.42 7.59 7.77
C VAL B 24 -0.15 6.62 6.68
N SER B 25 -0.78 5.52 7.10
CA SER B 25 -1.34 4.59 6.15
C SER B 25 -2.36 5.23 5.23
N GLY B 26 -3.25 6.03 5.81
CA GLY B 26 -4.26 6.73 5.03
C GLY B 26 -3.66 7.77 4.12
N GLU B 27 -2.63 8.43 4.55
CA GLU B 27 -1.93 9.33 3.67
C GLU B 27 -1.25 8.58 2.50
N MET B 28 -0.69 7.40 2.71
CA MET B 28 -0.11 6.63 1.65
C MET B 28 -1.17 6.14 0.67
N LEU B 29 -2.37 5.81 1.16
CA LEU B 29 -3.53 5.50 0.30
C LEU B 29 -3.87 6.73 -0.56
N ASN B 30 -4.00 7.87 0.07
CA ASN B 30 -4.24 9.12 -0.69
C ASN B 30 -3.17 9.39 -1.75
N GLU B 31 -1.92 9.16 -1.35
CA GLU B 31 -0.84 9.46 -2.23
C GLU B 31 -0.85 8.56 -3.45
N GLY B 32 -1.05 7.29 -3.21
CA GLY B 32 -1.18 6.34 -4.33
C GLY B 32 -2.39 6.57 -5.24
N GLN B 33 -3.48 6.97 -4.62
CA GLN B 33 -4.67 7.40 -5.41
C GLN B 33 -4.39 8.58 -6.29
N GLU B 34 -3.67 9.54 -5.78
CA GLU B 34 -3.31 10.73 -6.58
C GLU B 34 -2.30 10.39 -7.66
N VAL B 35 -1.34 9.49 -7.36
CA VAL B 35 -0.45 9.00 -8.45
C VAL B 35 -1.25 8.41 -9.57
N ILE B 36 -2.16 7.51 -9.23
CA ILE B 36 -2.96 6.87 -10.28
C ILE B 36 -3.82 7.92 -10.99
N SER B 37 -4.47 8.82 -10.22
CA SER B 37 -5.25 9.89 -10.79
CA SER B 37 -5.25 9.90 -10.83
C SER B 37 -4.45 10.71 -11.82
N ASN B 38 -3.21 11.05 -11.47
CA ASN B 38 -2.37 11.78 -12.39
C ASN B 38 -2.09 10.98 -13.66
N ILE B 39 -1.83 9.67 -13.51
CA ILE B 39 -1.62 8.79 -14.66
C ILE B 39 -2.86 8.75 -15.55
N GLN B 40 -4.01 8.67 -14.91
CA GLN B 40 -5.32 8.69 -15.60
C GLN B 40 -5.59 10.01 -16.31
N LYS B 41 -5.21 11.11 -15.69
CA LYS B 41 -5.36 12.44 -16.37
C LYS B 41 -4.57 12.55 -17.66
N ILE B 42 -3.34 12.06 -17.58
CA ILE B 42 -2.44 12.05 -18.77
C ILE B 42 -2.99 11.07 -19.81
N LYS B 43 -3.52 9.94 -19.37
CA LYS B 43 -4.16 9.00 -20.28
C LYS B 43 -5.37 9.64 -20.95
N ALA B 44 -6.16 10.36 -20.18
CA ALA B 44 -7.34 11.01 -20.73
C ALA B 44 -6.92 11.97 -21.84
N ALA B 45 -5.82 12.71 -21.63
CA ALA B 45 -5.30 13.60 -22.63
C ALA B 45 -4.81 12.89 -23.87
N GLU B 46 -4.13 11.75 -23.67
CA GLU B 46 -3.83 10.89 -24.76
C GLU B 46 -5.08 10.53 -25.59
N TYR B 47 -6.14 10.12 -24.91
CA TYR B 47 -7.35 9.77 -25.62
C TYR B 47 -7.97 10.96 -26.32
N LYS B 48 -7.99 12.13 -25.68
CA LYS B 48 -8.68 13.27 -26.36
C LYS B 48 -7.99 13.65 -27.61
N VAL B 49 -6.67 13.72 -27.61
CA VAL B 49 -5.98 14.04 -28.82
C VAL B 49 -6.22 12.96 -29.88
N SER B 50 -6.14 11.69 -29.45
CA SER B 50 -6.47 10.59 -30.39
C SER B 50 -7.83 10.67 -31.05
N ILE B 51 -8.84 10.96 -30.24
CA ILE B 51 -10.20 11.15 -30.71
C ILE B 51 -10.28 12.31 -31.69
N TYR B 52 -9.69 13.44 -31.32
CA TYR B 52 -9.63 14.59 -32.24
C TYR B 52 -9.04 14.19 -33.60
N LEU B 53 -7.91 13.50 -33.60
CA LEU B 53 -7.30 13.04 -34.85
C LEU B 53 -8.20 12.10 -35.65
N ALA B 54 -8.83 11.16 -34.97
CA ALA B 54 -9.73 10.23 -35.64
C ALA B 54 -10.93 10.95 -36.29
N LYS B 55 -11.38 12.02 -35.69
CA LYS B 55 -12.53 12.78 -36.17
C LYS B 55 -12.18 13.84 -37.17
N ASN B 56 -10.90 14.25 -37.23
CA ASN B 56 -10.44 15.37 -38.04
C ASN B 56 -9.17 14.99 -38.78
N PRO B 57 -9.26 13.99 -39.63
CA PRO B 57 -8.05 13.56 -40.33
C PRO B 57 -7.36 14.61 -41.19
N GLU B 58 -8.10 15.61 -41.68
CA GLU B 58 -7.53 16.66 -42.52
C GLU B 58 -7.02 17.85 -41.79
N THR B 59 -6.96 17.74 -40.44
CA THR B 59 -6.47 18.83 -39.68
C THR B 59 -5.11 19.35 -40.16
N GLN B 60 -4.98 20.66 -40.18
CA GLN B 60 -3.70 21.24 -40.44
C GLN B 60 -2.79 21.17 -39.20
N ALA B 61 -3.31 20.70 -38.08
CA ALA B 61 -2.44 20.50 -36.88
C ALA B 61 -1.96 19.09 -36.68
N LEU B 62 -1.80 18.32 -37.77
CA LEU B 62 -1.54 16.91 -37.70
C LEU B 62 -0.25 16.63 -36.95
N GLN B 63 0.86 17.31 -37.31
CA GLN B 63 2.14 17.00 -36.67
C GLN B 63 2.12 17.40 -35.20
N GLN B 64 1.55 18.57 -34.89
CA GLN B 64 1.49 19.07 -33.51
C GLN B 64 0.72 18.14 -32.66
N LEU B 65 -0.42 17.67 -33.16
CA LEU B 65 -1.32 16.85 -32.36
C LEU B 65 -0.75 15.42 -32.28
N THR B 66 -0.13 14.95 -33.34
CA THR B 66 0.50 13.60 -33.25
C THR B 66 1.58 13.60 -32.16
N LEU B 67 2.41 14.64 -32.18
CA LEU B 67 3.43 14.79 -31.15
C LEU B 67 2.84 14.83 -29.73
N LEU B 68 1.80 15.59 -29.54
CA LEU B 68 1.21 15.72 -28.20
C LEU B 68 0.61 14.39 -27.75
N ARG B 69 -0.06 13.73 -28.67
CA ARG B 69 -0.65 12.42 -28.43
C ARG B 69 0.40 11.42 -28.01
N GLY B 70 1.47 11.35 -28.78
CA GLY B 70 2.61 10.52 -28.45
C GLY B 70 3.25 10.86 -27.12
N TYR B 71 3.34 12.17 -26.79
CA TYR B 71 3.90 12.62 -25.52
C TYR B 71 3.03 12.14 -24.37
N PHE B 72 1.72 12.36 -24.45
CA PHE B 72 0.86 11.94 -23.34
C PHE B 72 0.92 10.42 -23.17
N ALA B 73 0.95 9.71 -24.28
CA ALA B 73 1.06 8.23 -24.19
C ALA B 73 2.33 7.81 -23.49
N ARG B 74 3.48 8.37 -23.84
CA ARG B 74 4.74 8.00 -23.14
C ARG B 74 4.69 8.34 -21.74
N LYS B 75 4.10 9.49 -21.43
CA LYS B 75 4.03 9.87 -20.03
C LYS B 75 3.14 9.01 -19.17
N THR B 76 1.97 8.70 -19.65
CA THR B 76 1.03 7.94 -18.85
C THR B 76 1.51 6.47 -18.74
N ASN B 77 2.02 5.91 -19.86
CA ASN B 77 2.51 4.50 -19.87
C ASN B 77 3.79 4.31 -19.01
N GLY B 78 4.71 5.27 -19.16
CA GLY B 78 5.93 5.33 -18.34
C GLY B 78 5.57 5.54 -16.89
N GLY B 79 4.58 6.43 -16.59
CA GLY B 79 4.17 6.64 -15.21
C GLY B 79 3.69 5.42 -14.51
N LEU B 80 2.79 4.68 -15.17
CA LEU B 80 2.26 3.48 -14.54
C LEU B 80 3.38 2.46 -14.31
N GLU B 81 4.23 2.25 -15.29
CA GLU B 81 5.35 1.41 -15.11
C GLU B 81 6.24 1.85 -13.94
N SER B 82 6.56 3.15 -13.80
CA SER B 82 7.32 3.61 -12.68
C SER B 82 6.64 3.34 -11.31
N TYR B 83 5.31 3.51 -11.28
CA TYR B 83 4.60 3.25 -10.06
C TYR B 83 4.71 1.74 -9.68
N LYS B 84 4.54 0.88 -10.66
CA LYS B 84 4.68 -0.59 -10.40
C LYS B 84 6.10 -0.91 -9.95
N THR B 85 7.09 -0.36 -10.64
CA THR B 85 8.46 -0.85 -10.41
C THR B 85 9.15 -0.18 -9.23
N MET B 86 8.77 1.02 -8.89
CA MET B 86 9.44 1.77 -7.81
CA MET B 86 9.46 1.80 -7.84
C MET B 86 8.47 2.47 -6.87
N GLY B 87 7.44 3.17 -7.36
CA GLY B 87 6.64 3.97 -6.44
C GLY B 87 5.79 3.26 -5.39
N LEU B 88 5.07 2.21 -5.82
CA LEU B 88 4.19 1.53 -4.96
C LEU B 88 4.95 0.95 -3.77
N ALA B 89 6.14 0.40 -3.97
CA ALA B 89 6.92 -0.11 -2.85
C ALA B 89 7.23 0.94 -1.81
N THR B 90 7.56 2.13 -2.27
CA THR B 90 7.84 3.22 -1.29
C THR B 90 6.67 3.53 -0.38
N GLN B 91 5.45 3.40 -0.88
CA GLN B 91 4.27 3.77 -0.15
C GLN B 91 3.85 2.67 0.81
N ILE B 92 3.89 1.40 0.36
CA ILE B 92 3.67 0.25 1.25
C ILE B 92 4.79 0.21 2.37
N ARG B 93 6.02 0.44 1.98
CA ARG B 93 7.11 0.54 2.95
C ARG B 93 6.81 1.55 4.08
N SER B 94 6.42 2.78 3.69
CA SER B 94 6.20 3.80 4.70
C SER B 94 5.01 3.45 5.53
N ALA B 95 3.92 3.01 4.88
CA ALA B 95 2.73 2.61 5.70
C ALA B 95 3.11 1.57 6.75
N ARG B 96 3.79 0.52 6.32
CA ARG B 96 4.06 -0.61 7.23
C ARG B 96 5.12 -0.24 8.26
N ALA B 97 6.07 0.65 7.87
CA ALA B 97 7.07 1.11 8.81
C ALA B 97 6.44 1.87 9.95
N ALA B 98 5.56 2.81 9.60
CA ALA B 98 4.88 3.57 10.59
C ALA B 98 4.02 2.72 11.47
N ALA B 99 3.29 1.80 10.82
CA ALA B 99 2.42 0.89 11.58
C ALA B 99 3.17 -0.04 12.55
N TYR B 100 4.31 -0.56 12.14
CA TYR B 100 5.12 -1.45 12.96
C TYR B 100 5.60 -0.72 14.21
N LEU B 101 6.13 0.47 14.00
CA LEU B 101 6.61 1.31 15.12
C LEU B 101 5.48 1.68 16.03
N LYS B 102 4.34 2.09 15.45
CA LYS B 102 3.20 2.41 16.23
C LYS B 102 2.74 1.22 17.06
N GLY B 103 2.77 0.02 16.49
CA GLY B 103 2.35 -1.16 17.28
C GLY B 103 3.21 -1.39 18.51
N SER B 104 4.53 -1.18 18.36
CA SER B 104 5.38 -1.27 19.56
C SER B 104 5.14 -0.19 20.60
N ILE B 105 4.96 1.04 20.14
CA ILE B 105 4.74 2.13 21.04
C ILE B 105 3.44 1.90 21.80
N ASP B 106 2.39 1.52 21.04
CA ASP B 106 1.06 1.37 21.66
C ASP B 106 1.08 0.25 22.69
N GLU B 107 1.76 -0.82 22.38
CA GLU B 107 1.81 -1.96 23.31
C GLU B 107 2.55 -1.54 24.61
N PHE B 108 3.67 -0.86 24.50
CA PHE B 108 4.40 -0.51 25.70
C PHE B 108 3.65 0.56 26.50
N LEU B 109 3.13 1.58 25.84
CA LEU B 109 2.34 2.60 26.54
C LEU B 109 1.15 1.95 27.24
N ASN B 110 0.48 1.04 26.55
CA ASN B 110 -0.64 0.33 27.15
C ASN B 110 -0.24 -0.42 28.41
N LEU B 111 0.91 -1.08 28.33
CA LEU B 111 1.39 -1.80 29.51
C LEU B 111 1.62 -0.85 30.70
N LEU B 112 2.34 0.24 30.44
CA LEU B 112 2.58 1.23 31.51
C LEU B 112 1.31 1.76 32.08
N GLU B 113 0.40 2.12 31.22
CA GLU B 113 -0.91 2.56 31.64
C GLU B 113 -1.59 1.52 32.54
N SER B 114 -1.38 0.22 32.26
CA SER B 114 -2.07 -0.88 32.90
C SER B 114 -1.49 -1.26 34.27
N LEU B 115 -0.29 -0.82 34.56
CA LEU B 115 0.38 -1.19 35.80
C LEU B 115 0.12 -0.16 36.87
N LYS B 116 -1.16 0.05 37.11
CA LYS B 116 -1.64 0.99 38.06
C LYS B 116 -2.33 0.10 39.15
N GLY B 117 -1.96 0.30 40.40
CA GLY B 117 -2.47 -0.53 41.49
C GLY B 117 -2.39 0.22 42.80
N GLY B 118 -3.53 0.72 43.25
CA GLY B 118 -3.54 1.47 44.49
C GLY B 118 -2.65 2.68 44.46
N SER B 119 -2.16 3.06 45.62
CA SER B 119 -1.35 4.28 45.72
C SER B 119 0.10 3.97 45.33
N GLU B 120 0.50 2.70 45.40
CA GLU B 120 1.92 2.35 45.29
C GLU B 120 2.42 2.00 43.90
N ASN B 121 1.51 1.84 42.94
CA ASN B 121 1.95 1.39 41.57
C ASN B 121 1.31 2.30 40.57
N LYS B 122 2.12 3.18 39.97
CA LYS B 122 1.67 4.18 38.94
C LYS B 122 2.78 4.42 37.99
N CYS B 123 2.59 4.13 36.69
CA CYS B 123 3.73 4.24 35.73
C CYS B 123 3.66 5.45 34.77
N LEU B 124 2.47 5.89 34.41
CA LEU B 124 2.29 7.09 33.54
C LEU B 124 1.78 8.12 34.52
N VAL B 125 2.69 9.02 34.94
CA VAL B 125 2.34 10.03 35.91
C VAL B 125 2.40 11.42 35.31
N THR B 126 1.98 12.44 36.09
CA THR B 126 2.00 13.83 35.59
C THR B 126 3.31 14.49 35.87
N THR B 127 3.41 15.11 37.04
CA THR B 127 4.61 15.81 37.43
C THR B 127 5.22 15.29 38.75
N ASN B 128 4.59 14.30 39.39
CA ASN B 128 5.13 13.70 40.59
C ASN B 128 4.78 12.25 40.59
N ALA B 129 5.37 11.52 41.55
CA ALA B 129 5.24 10.09 41.54
C ALA B 129 3.88 9.58 41.91
N ASP B 130 3.05 10.43 42.54
CA ASP B 130 1.80 9.98 43.14
C ASP B 130 0.61 10.31 42.31
N THR B 131 0.78 10.90 41.12
CA THR B 131 -0.33 11.34 40.35
C THR B 131 -0.32 10.67 38.97
N ALA B 132 -1.17 9.70 38.81
CA ALA B 132 -1.33 9.02 37.53
C ALA B 132 -2.06 9.90 36.60
N ALA B 133 -1.71 9.82 35.34
CA ALA B 133 -2.48 10.48 34.31
C ALA B 133 -3.92 9.89 34.20
N THR B 134 -4.88 10.71 33.90
CA THR B 134 -6.26 10.28 33.82
C THR B 134 -6.64 10.07 32.38
N ARG B 135 -7.23 8.93 32.08
CA ARG B 135 -7.72 8.71 30.72
C ARG B 135 -9.15 9.12 30.62
N ARG B 136 -9.42 9.85 29.57
CA ARG B 136 -10.80 10.26 29.18
C ARG B 136 -10.95 9.96 27.71
N GLU B 137 -11.58 8.84 27.42
CA GLU B 137 -11.71 8.34 26.07
C GLU B 137 -10.36 8.23 25.37
N THR B 138 -10.12 8.96 24.27
CA THR B 138 -8.85 8.85 23.59
C THR B 138 -7.75 9.65 24.24
N LYS B 139 -8.02 10.44 25.28
CA LYS B 139 -6.97 11.36 25.81
C LYS B 139 -6.41 10.82 27.11
N LEU B 140 -5.15 11.10 27.35
CA LEU B 140 -4.47 10.79 28.59
C LEU B 140 -3.93 12.14 29.09
N ASP B 141 -4.38 12.57 30.29
CA ASP B 141 -4.05 13.89 30.81
C ASP B 141 -4.24 14.94 29.73
N ASP B 142 -5.40 14.92 29.06
CA ASP B 142 -5.66 15.85 28.00
C ASP B 142 -4.78 15.82 26.69
N GLN B 143 -3.92 14.83 26.53
CA GLN B 143 -3.17 14.63 25.26
C GLN B 143 -3.81 13.49 24.50
N GLU B 144 -4.10 13.68 23.23
CA GLU B 144 -4.61 12.60 22.38
C GLU B 144 -3.62 11.41 22.45
N CYS B 145 -4.16 10.25 22.74
CA CYS B 145 -3.34 9.06 22.95
C CYS B 145 -4.17 7.79 22.78
N ALA B 146 -4.70 7.65 21.56
CA ALA B 146 -5.52 6.49 21.23
C ALA B 146 -4.55 5.35 20.84
N LEU B 147 -4.55 4.35 21.64
CA LEU B 147 -3.64 3.19 21.44
C LEU B 147 -4.34 2.20 20.51
N SER B 148 -4.60 2.69 19.32
CA SER B 148 -5.40 1.97 18.31
C SER B 148 -5.05 2.53 16.97
N MET B 149 -5.47 1.79 15.93
CA MET B 149 -5.22 2.16 14.56
C MET B 149 -6.57 2.43 13.91
N PRO B 150 -6.71 3.59 13.24
CA PRO B 150 -8.01 3.88 12.54
C PRO B 150 -8.14 3.11 11.25
N GLU B 151 -9.38 3.12 10.74
CA GLU B 151 -9.63 2.65 9.40
C GLU B 151 -8.72 3.35 8.33
N THR B 152 -8.30 2.60 7.31
CA THR B 152 -7.47 3.10 6.31
C THR B 152 -8.33 3.82 5.28
N LYS B 153 -8.19 5.12 5.24
CA LYS B 153 -8.96 5.96 4.34
C LYS B 153 -8.09 7.17 3.96
N PRO B 154 -8.39 7.82 2.84
CA PRO B 154 -7.48 8.81 2.38
C PRO B 154 -7.45 9.95 3.39
N GLU B 155 -6.29 10.33 3.86
CA GLU B 155 -6.20 11.50 4.68
C GLU B 155 -4.84 12.10 4.76
N ALA B 156 -4.68 13.26 5.39
CA ALA B 156 -3.38 13.86 5.43
C ALA B 156 -2.91 13.82 6.84
N ALA B 157 -1.68 13.36 7.01
CA ALA B 157 -1.10 13.25 8.33
C ALA B 157 -0.39 14.54 8.71
N THR B 158 -0.18 14.72 10.00
CA THR B 158 0.64 15.81 10.47
C THR B 158 2.12 15.40 10.22
N ARG B 159 2.99 16.44 10.29
CA ARG B 159 4.40 16.31 10.03
C ARG B 159 5.23 17.04 11.08
N THR B 160 4.74 17.04 12.28
CA THR B 160 5.46 17.70 13.43
C THR B 160 6.22 16.69 14.30
N GLU B 161 5.78 15.44 14.32
CA GLU B 161 6.39 14.45 15.23
C GLU B 161 7.47 13.55 14.57
N LEU B 162 7.31 13.30 13.28
CA LEU B 162 8.35 12.57 12.49
C LEU B 162 8.62 13.40 11.21
N THR B 163 9.71 14.12 11.26
CA THR B 163 10.02 15.12 10.26
C THR B 163 11.14 14.56 9.37
N GLN B 164 11.52 15.33 8.38
CA GLN B 164 12.60 15.00 7.53
C GLN B 164 13.87 14.81 8.37
N THR B 165 13.96 15.50 9.50
CA THR B 165 15.19 15.45 10.30
C THR B 165 15.18 14.29 11.31
N GLY B 166 14.04 14.04 11.92
CA GLY B 166 13.95 12.99 12.93
C GLY B 166 12.70 13.08 13.73
N TYR B 167 12.84 12.82 15.03
CA TYR B 167 11.73 12.87 15.97
C TYR B 167 11.99 14.05 16.94
N PRO B 168 11.54 15.27 16.58
CA PRO B 168 12.00 16.47 17.31
C PRO B 168 11.50 16.56 18.76
N ASN B 169 10.37 15.97 19.04
CA ASN B 169 9.69 16.14 20.37
C ASN B 169 9.98 15.08 21.39
N LEU B 170 10.64 14.02 21.00
CA LEU B 170 10.99 12.92 21.92
C LEU B 170 12.16 13.39 22.78
N GLN B 171 12.03 13.24 24.09
CA GLN B 171 13.06 13.60 25.02
C GLN B 171 14.22 12.60 24.98
N HIS B 172 15.38 13.04 25.45
CA HIS B 172 16.56 12.23 25.62
C HIS B 172 17.27 12.55 26.93
N GLY B 173 17.88 11.54 27.54
CA GLY B 173 18.61 11.74 28.81
C GLY B 173 18.25 10.60 29.76
N GLY B 174 18.36 10.85 31.04
CA GLY B 174 18.09 9.78 32.00
C GLY B 174 19.38 9.05 32.30
N GLY B 175 19.23 7.90 32.94
CA GLY B 175 20.34 7.03 33.24
C GLY B 175 21.07 7.30 34.52
N GLY B 176 20.57 8.20 35.32
CA GLY B 176 21.20 8.43 36.64
C GLY B 176 20.12 8.72 37.64
N THR B 177 20.32 9.71 38.54
CA THR B 177 19.38 9.96 39.61
C THR B 177 19.01 11.42 39.68
N ALA B 178 19.06 12.11 38.55
CA ALA B 178 18.71 13.54 38.41
C ALA B 178 17.20 13.83 38.40
N ASN B 179 16.35 12.83 38.49
CA ASN B 179 14.94 13.03 38.49
C ASN B 179 14.46 13.64 37.17
N THR B 180 15.14 13.32 36.07
CA THR B 180 14.81 14.07 34.86
C THR B 180 13.52 13.66 34.20
N PHE B 181 13.30 12.38 33.95
CA PHE B 181 12.05 11.93 33.39
C PHE B 181 11.23 11.07 34.31
N GLN B 182 11.78 10.80 35.47
CA GLN B 182 11.11 10.06 36.53
C GLN B 182 11.28 10.91 37.80
N PRO B 183 10.18 11.15 38.50
CA PRO B 183 10.26 12.14 39.60
C PRO B 183 10.84 11.57 40.87
N THR B 184 11.08 12.46 41.82
CA THR B 184 11.64 11.99 43.10
C THR B 184 10.68 11.03 43.76
N THR B 185 11.16 10.24 44.69
CA THR B 185 10.29 9.26 45.35
C THR B 185 9.25 9.89 46.28
N SER B 186 8.14 9.18 46.44
CA SER B 186 7.06 9.62 47.31
C SER B 186 6.31 8.37 47.73
N THR B 187 5.12 8.08 47.18
CA THR B 187 4.47 6.81 47.33
C THR B 187 4.30 5.99 46.08
N GLY B 188 3.91 6.63 44.99
CA GLY B 188 3.84 5.89 43.72
C GLY B 188 5.18 5.37 43.23
N THR B 189 5.16 4.20 42.59
CA THR B 189 6.33 3.61 41.94
C THR B 189 5.97 2.96 40.64
N CYS B 190 6.96 2.78 39.80
CA CYS B 190 6.83 1.98 38.58
C CYS B 190 8.03 1.05 38.53
N LYS B 191 7.90 -0.08 39.18
CA LYS B 191 9.05 -1.01 39.33
C LYS B 191 9.51 -1.59 37.99
N LEU B 192 8.64 -1.65 36.99
CA LEU B 192 9.04 -2.11 35.65
C LEU B 192 10.20 -1.28 35.14
N LEU B 193 10.28 -0.01 35.54
CA LEU B 193 11.35 0.85 35.06
C LEU B 193 12.71 0.69 35.71
N SER B 194 12.83 -0.26 36.63
CA SER B 194 14.12 -0.63 37.18
C SER B 194 14.30 -2.13 37.16
N GLY B 195 15.42 -2.59 36.56
CA GLY B 195 15.71 -4.01 36.58
C GLY B 195 16.68 -4.38 37.71
N HIS B 196 16.75 -3.58 38.76
CA HIS B 196 17.56 -3.90 39.93
C HIS B 196 16.65 -4.47 40.99
N SER B 197 17.14 -5.46 41.74
CA SER B 197 16.27 -6.24 42.58
C SER B 197 15.89 -5.62 43.93
N THR B 198 16.63 -4.65 44.46
CA THR B 198 16.19 -4.15 45.79
C THR B 198 14.92 -3.32 45.79
N ASN B 199 14.74 -2.43 44.80
CA ASN B 199 13.55 -1.57 44.68
C ASN B 199 12.75 -1.77 43.39
N GLY B 200 13.35 -2.48 42.42
CA GLY B 200 12.75 -2.59 41.11
C GLY B 200 12.02 -3.89 40.91
N TYR B 201 11.92 -4.26 39.64
CA TYR B 201 11.10 -5.42 39.21
C TYR B 201 11.50 -6.77 39.74
N PRO B 202 12.76 -7.18 39.51
CA PRO B 202 13.07 -8.58 39.71
C PRO B 202 13.34 -9.01 41.13
N THR B 203 13.02 -10.26 41.43
CA THR B 203 13.27 -10.80 42.75
C THR B 203 14.71 -11.30 42.88
N THR B 204 15.40 -10.84 43.93
CA THR B 204 16.69 -11.35 44.42
C THR B 204 17.88 -10.98 43.50
N SER B 205 17.79 -11.31 42.23
CA SER B 205 18.89 -11.01 41.27
C SER B 205 18.44 -9.91 40.37
N ALA B 206 19.35 -9.01 40.04
CA ALA B 206 19.09 -8.00 39.01
C ALA B 206 18.90 -8.66 37.66
N LEU B 207 18.30 -7.91 36.71
CA LEU B 207 18.29 -8.42 35.36
C LEU B 207 19.71 -8.69 34.85
N ASP B 208 19.87 -9.71 34.04
CA ASP B 208 21.20 -10.10 33.57
C ASP B 208 21.87 -8.99 32.73
N THR B 209 21.08 -8.34 31.87
CA THR B 209 21.50 -7.13 31.15
C THR B 209 20.44 -6.06 31.27
N THR B 210 20.79 -4.85 30.85
CA THR B 210 19.77 -3.82 30.68
C THR B 210 18.76 -4.31 29.67
N ALA B 211 17.55 -3.74 29.77
CA ALA B 211 16.50 -4.05 28.77
C ALA B 211 16.24 -2.88 27.85
N LYS B 212 16.15 -3.15 26.56
CA LYS B 212 15.78 -2.17 25.54
CA LYS B 212 15.78 -2.16 25.57
C LYS B 212 14.30 -2.39 25.22
N VAL B 213 13.48 -1.33 25.42
CA VAL B 213 12.02 -1.41 25.18
C VAL B 213 11.67 -0.24 24.28
N LEU B 214 10.39 -0.14 23.94
CA LEU B 214 9.93 0.90 22.99
C LEU B 214 10.79 0.83 21.72
N ALA B 215 10.96 -0.40 21.23
CA ALA B 215 11.75 -0.74 20.01
C ALA B 215 13.11 -0.08 20.00
N GLY B 216 13.76 -0.04 21.18
CA GLY B 216 15.08 0.51 21.27
C GLY B 216 15.26 1.91 21.79
N TYR B 217 14.17 2.63 21.95
CA TYR B 217 14.24 3.98 22.43
C TYR B 217 14.57 4.09 23.87
N MET B 218 13.99 3.23 24.68
CA MET B 218 14.14 3.32 26.16
CA MET B 218 14.14 3.31 26.14
C MET B 218 15.01 2.18 26.68
N THR B 219 15.96 2.50 27.59
CA THR B 219 16.74 1.48 28.27
C THR B 219 16.28 1.41 29.74
N ILE B 220 15.90 0.22 30.19
CA ILE B 220 15.60 -0.11 31.56
C ILE B 220 16.90 -0.62 32.22
N PRO B 221 17.35 0.03 33.25
CA PRO B 221 18.64 -0.32 33.83
C PRO B 221 18.56 -1.59 34.67
N ASN B 222 19.72 -2.18 34.88
CA ASN B 222 19.85 -3.22 35.86
C ASN B 222 20.67 -2.76 37.10
N THR B 223 20.78 -1.45 37.28
CA THR B 223 21.42 -0.79 38.40
C THR B 223 20.42 0.21 38.96
N GLN B 224 20.77 0.79 40.11
CA GLN B 224 19.86 1.69 40.82
C GLN B 224 19.80 3.11 40.25
N VAL B 225 19.33 3.23 39.01
CA VAL B 225 19.22 4.50 38.30
C VAL B 225 17.90 4.56 37.52
N GLU B 226 17.70 5.73 36.90
CA GLU B 226 16.59 6.00 36.03
C GLU B 226 16.80 5.39 34.66
N ALA B 227 15.67 5.17 33.99
CA ALA B 227 15.66 4.74 32.61
C ALA B 227 16.41 5.76 31.73
N THR B 228 16.94 5.30 30.59
CA THR B 228 17.57 6.18 29.60
C THR B 228 16.67 6.30 28.39
N LEU B 229 16.59 7.53 27.90
CA LEU B 229 15.86 7.80 26.64
C LEU B 229 16.83 8.22 25.59
N ALA B 230 16.87 7.49 24.47
CA ALA B 230 17.84 7.74 23.40
C ALA B 230 17.55 9.06 22.68
N ASN B 231 18.56 9.65 22.05
CA ASN B 231 18.41 10.90 21.30
C ASN B 231 18.01 10.56 19.84
N MET B 232 16.73 10.85 19.54
CA MET B 232 16.14 10.50 18.27
C MET B 232 15.85 11.73 17.40
N GLN B 233 16.37 12.89 17.80
CA GLN B 233 15.97 14.11 17.18
C GLN B 233 16.61 14.25 15.78
N ALA B 234 17.89 13.97 15.67
CA ALA B 234 18.58 14.02 14.41
C ALA B 234 18.89 12.60 14.02
N MET B 235 18.02 12.00 13.21
CA MET B 235 18.23 10.58 12.87
C MET B 235 19.33 10.40 11.88
N GLY B 236 19.95 9.24 11.95
CA GLY B 236 20.96 8.89 10.99
C GLY B 236 21.40 7.43 11.09
N ASN B 237 22.55 7.15 10.50
CA ASN B 237 22.97 5.73 10.35
C ASN B 237 23.20 4.99 11.62
N GLY B 238 23.60 5.70 12.67
CA GLY B 238 23.77 5.11 13.99
C GLY B 238 22.48 4.49 14.53
N HIS B 239 21.34 5.04 14.15
CA HIS B 239 20.10 4.45 14.67
C HIS B 239 19.78 3.12 14.04
N LYS B 240 20.44 2.77 12.92
CA LYS B 240 20.17 1.46 12.33
C LYS B 240 20.45 0.30 13.29
N ALA B 241 21.50 0.44 14.11
CA ALA B 241 21.94 -0.63 15.01
C ALA B 241 21.09 -0.67 16.23
N THR B 242 20.80 0.50 16.77
CA THR B 242 20.19 0.61 18.09
C THR B 242 18.69 0.76 18.06
N ALA B 243 18.14 1.32 17.00
CA ALA B 243 16.74 1.61 17.03
C ALA B 243 16.16 1.38 15.63
N PRO B 244 16.40 0.18 15.08
CA PRO B 244 16.12 -0.04 13.66
C PRO B 244 14.68 0.31 13.21
N ALA B 245 13.66 0.04 14.04
CA ALA B 245 12.30 0.40 13.65
C ALA B 245 12.07 1.87 13.57
N TRP B 246 12.80 2.63 14.40
CA TRP B 246 12.70 4.10 14.37
C TRP B 246 13.41 4.64 13.14
N HIS B 247 14.58 4.06 12.84
CA HIS B 247 15.29 4.39 11.60
C HIS B 247 14.46 4.08 10.38
N GLU B 248 13.79 2.97 10.37
CA GLU B 248 13.01 2.53 9.22
C GLU B 248 11.79 3.46 9.00
N ALA B 249 11.04 3.81 10.04
CA ALA B 249 9.92 4.71 9.82
C ALA B 249 10.33 6.05 9.30
N TRP B 250 11.48 6.54 9.76
CA TRP B 250 12.01 7.83 9.38
C TRP B 250 12.52 7.84 7.94
N GLU B 251 13.36 6.89 7.56
CA GLU B 251 13.86 6.83 6.20
C GLU B 251 12.72 6.55 5.21
N ALA B 252 11.80 5.65 5.55
CA ALA B 252 10.72 5.31 4.66
C ALA B 252 9.82 6.53 4.45
N ARG B 253 9.56 7.27 5.50
CA ARG B 253 8.71 8.46 5.36
C ARG B 253 9.40 9.47 4.37
N ASN B 254 10.71 9.64 4.52
CA ASN B 254 11.45 10.52 3.68
C ASN B 254 11.47 10.09 2.23
N ARG B 255 11.37 8.80 1.98
CA ARG B 255 11.53 8.27 0.63
C ARG B 255 10.22 7.99 -0.11
N GLU B 256 9.09 8.44 0.44
CA GLU B 256 7.78 8.21 -0.15
C GLU B 256 7.72 8.77 -1.55
N ALA B 257 7.21 8.00 -2.48
CA ALA B 257 6.91 8.52 -3.84
C ALA B 257 5.75 9.42 -3.69
N LYS B 258 5.72 10.49 -4.45
CA LYS B 258 4.62 11.48 -4.38
C LYS B 258 3.99 11.64 -5.79
N ALA B 259 2.70 11.95 -5.80
CA ALA B 259 1.96 12.18 -7.05
C ALA B 259 2.58 13.34 -7.83
N LYS B 260 3.21 14.30 -7.15
CA LYS B 260 3.84 15.44 -7.79
C LYS B 260 5.20 15.09 -8.40
N ASP B 261 5.74 13.90 -8.17
CA ASP B 261 7.03 13.53 -8.71
C ASP B 261 7.04 13.50 -10.25
N LEU B 262 8.24 13.59 -10.77
CA LEU B 262 8.45 13.72 -12.23
C LEU B 262 7.82 12.60 -13.02
N ALA B 263 7.84 11.35 -12.50
CA ALA B 263 7.28 10.19 -13.19
C ALA B 263 5.79 10.26 -13.37
N TYR B 264 5.10 11.11 -12.59
CA TYR B 264 3.63 11.16 -12.61
C TYR B 264 3.07 12.48 -13.01
N THR B 265 3.87 13.38 -13.59
CA THR B 265 3.43 14.76 -13.89
C THR B 265 3.89 15.13 -15.25
N ASN B 266 3.22 16.12 -15.79
CA ASN B 266 3.63 16.67 -17.09
C ASN B 266 5.00 17.30 -16.97
N GLU B 267 5.75 17.26 -18.04
CA GLU B 267 7.06 17.97 -18.11
C GLU B 267 6.82 19.49 -18.18
N THR B 268 7.85 20.26 -17.79
CA THR B 268 7.78 21.71 -17.70
C THR B 268 9.03 22.29 -18.35
N GLY B 269 9.07 23.60 -18.56
CA GLY B 269 10.19 24.22 -19.24
C GLY B 269 9.93 24.60 -20.65
N ASN B 270 10.84 25.37 -21.27
CA ASN B 270 10.74 25.51 -22.71
C ASN B 270 10.62 24.15 -23.39
N LEU B 271 9.93 24.14 -24.53
CA LEU B 271 9.49 22.90 -25.18
C LEU B 271 10.71 22.04 -25.51
N ASP B 272 11.81 22.66 -25.97
CA ASP B 272 13.01 21.89 -26.29
C ASP B 272 13.70 21.29 -25.07
N THR B 273 13.33 21.71 -23.87
CA THR B 273 13.89 21.18 -22.65
C THR B 273 13.07 20.08 -22.05
N GLN B 274 11.91 19.76 -22.65
CA GLN B 274 11.04 18.71 -22.12
C GLN B 274 11.49 17.41 -22.75
N PRO B 275 12.14 16.51 -22.01
CA PRO B 275 12.91 15.47 -22.74
C PRO B 275 12.06 14.49 -23.55
N THR B 276 10.82 14.24 -23.10
CA THR B 276 9.91 13.32 -23.78
C THR B 276 9.42 13.94 -25.04
N LEU B 277 9.04 15.20 -24.97
CA LEU B 277 8.63 15.94 -26.13
C LEU B 277 9.76 16.01 -27.18
N LYS B 278 10.95 16.38 -26.75
CA LYS B 278 12.08 16.43 -27.63
C LYS B 278 12.38 15.07 -28.27
N ALA B 279 12.43 13.98 -27.47
CA ALA B 279 12.70 12.66 -28.04
C ALA B 279 11.68 12.29 -29.10
N LEU B 280 10.43 12.66 -28.88
CA LEU B 280 9.39 12.24 -29.81
C LEU B 280 9.43 12.94 -31.13
N VAL B 281 9.91 14.18 -31.11
CA VAL B 281 10.11 14.91 -32.37
C VAL B 281 10.96 14.07 -33.33
N LYS B 282 12.02 13.49 -32.77
CA LYS B 282 12.88 12.60 -33.53
C LYS B 282 12.24 11.23 -33.82
N THR B 283 11.59 10.60 -32.85
CA THR B 283 10.90 9.33 -33.07
C THR B 283 9.77 9.38 -34.15
N LEU B 284 8.98 10.45 -34.20
CA LEU B 284 7.73 10.51 -34.98
C LEU B 284 7.79 11.47 -36.17
N LEU B 285 8.53 12.57 -36.07
CA LEU B 285 8.40 13.67 -37.01
C LEU B 285 9.64 13.92 -37.88
N LEU B 286 10.83 13.49 -37.48
CA LEU B 286 12.07 13.98 -38.07
C LEU B 286 12.70 12.92 -38.99
N PRO B 287 12.89 13.26 -40.30
CA PRO B 287 13.50 12.34 -41.27
C PRO B 287 14.98 12.16 -41.02
N LYS B 288 15.70 11.62 -42.02
CA LYS B 288 17.20 11.56 -42.06
C LYS B 288 17.70 11.22 -43.47
N GLU B 292 20.65 19.89 -38.98
CA GLU B 292 20.78 18.60 -38.29
C GLU B 292 21.08 18.83 -36.81
N HIS B 293 22.05 19.70 -36.53
CA HIS B 293 22.30 20.09 -35.12
C HIS B 293 21.09 20.89 -34.65
N ASN B 294 20.68 20.67 -33.39
CA ASN B 294 19.46 21.27 -32.82
C ASN B 294 18.19 20.98 -33.61
N ALA B 295 18.13 19.84 -34.31
CA ALA B 295 17.03 19.61 -35.24
C ALA B 295 15.69 19.57 -34.53
N GLU B 296 15.66 18.96 -33.35
CA GLU B 296 14.37 18.91 -32.56
C GLU B 296 13.85 20.27 -32.12
N ALA B 297 14.74 21.08 -31.55
CA ALA B 297 14.42 22.44 -31.14
C ALA B 297 13.91 23.23 -32.31
N THR B 298 14.60 23.10 -33.45
CA THR B 298 14.20 23.84 -34.64
C THR B 298 12.81 23.42 -35.12
N LYS B 299 12.60 22.12 -35.16
CA LYS B 299 11.26 21.60 -35.49
C LYS B 299 10.18 22.08 -34.51
N LEU B 300 10.46 22.01 -33.21
CA LEU B 300 9.49 22.46 -32.21
C LEU B 300 9.14 23.88 -32.37
N GLU B 301 10.14 24.73 -32.62
CA GLU B 301 9.87 26.15 -32.84
C GLU B 301 8.94 26.41 -34.00
N ALA B 302 9.19 25.70 -35.09
CA ALA B 302 8.36 25.84 -36.28
C ALA B 302 6.94 25.33 -36.08
N LEU B 303 6.82 24.17 -35.44
CA LEU B 303 5.50 23.58 -35.11
C LEU B 303 4.64 24.46 -34.24
N PHE B 304 5.22 25.05 -33.19
CA PHE B 304 4.51 25.77 -32.15
C PHE B 304 4.64 27.28 -32.18
N GLY B 305 5.43 27.80 -33.09
CA GLY B 305 5.50 29.25 -33.18
C GLY B 305 6.32 29.85 -32.05
N GLY B 306 7.27 29.07 -31.53
CA GLY B 306 8.09 29.44 -30.36
C GLY B 306 8.32 28.25 -29.44
N LEU B 307 9.18 28.45 -28.44
CA LEU B 307 9.56 27.40 -27.53
C LEU B 307 9.04 27.61 -26.12
N ALA B 308 8.24 28.65 -25.91
CA ALA B 308 7.69 28.87 -24.59
C ALA B 308 6.79 27.70 -24.23
N ALA B 309 6.78 27.32 -22.94
CA ALA B 309 5.97 26.17 -22.51
C ALA B 309 4.52 26.27 -22.89
N ASP B 310 3.98 27.49 -22.89
CA ASP B 310 2.52 27.62 -23.17
C ASP B 310 2.17 27.61 -24.65
N LYS B 311 3.15 27.43 -25.53
CA LYS B 311 2.88 27.40 -26.97
C LYS B 311 2.09 26.16 -27.38
N THR B 312 1.97 25.14 -26.54
CA THR B 312 1.05 24.01 -26.87
C THR B 312 -0.41 24.29 -26.53
N LYS B 313 -0.68 25.38 -25.82
CA LYS B 313 -2.00 25.62 -25.27
C LYS B 313 -3.08 25.82 -26.35
N THR B 314 -2.75 26.48 -27.44
CA THR B 314 -3.72 26.70 -28.48
C THR B 314 -4.25 25.37 -29.07
N TYR B 315 -3.37 24.39 -29.23
CA TYR B 315 -3.70 23.10 -29.81
C TYR B 315 -4.56 22.33 -28.85
N LEU B 316 -4.14 22.36 -27.59
CA LEU B 316 -4.90 21.67 -26.55
C LEU B 316 -6.30 22.29 -26.33
N ASP B 317 -6.40 23.61 -26.36
CA ASP B 317 -7.70 24.30 -26.25
C ASP B 317 -8.63 23.90 -27.42
N MET B 318 -8.07 23.71 -28.61
CA MET B 318 -8.87 23.35 -29.82
C MET B 318 -9.44 21.94 -29.65
N VAL B 319 -8.59 21.01 -29.13
CA VAL B 319 -9.05 19.65 -28.81
C VAL B 319 -10.15 19.68 -27.76
N ASP B 320 -9.93 20.41 -26.68
CA ASP B 320 -10.93 20.49 -25.62
C ASP B 320 -12.29 21.00 -26.07
N ALA B 321 -12.31 21.85 -27.08
CA ALA B 321 -13.52 22.44 -27.55
C ALA B 321 -14.30 21.50 -28.47
N GLU B 322 -13.67 20.46 -28.96
CA GLU B 322 -14.35 19.54 -29.93
C GLU B 322 -15.55 18.86 -29.34
N ILE B 323 -16.73 18.94 -30.01
CA ILE B 323 -17.96 18.42 -29.39
C ILE B 323 -18.12 16.94 -29.77
N ILE B 324 -18.51 16.10 -28.81
CA ILE B 324 -18.82 14.73 -29.03
C ILE B 324 -20.31 14.70 -28.94
N PRO B 325 -20.95 14.49 -30.06
CA PRO B 325 -22.40 14.52 -29.97
C PRO B 325 -23.06 13.31 -29.34
N ALA B 326 -24.29 13.51 -28.87
CA ALA B 326 -25.11 12.39 -28.42
C ALA B 326 -25.15 11.34 -29.53
N GLY B 327 -25.24 10.09 -29.13
CA GLY B 327 -25.24 8.97 -30.09
C GLY B 327 -23.90 8.28 -30.26
N ILE B 328 -22.79 8.95 -29.99
CA ILE B 328 -21.50 8.31 -30.11
C ILE B 328 -21.35 7.44 -28.89
N ALA B 329 -21.01 6.16 -29.10
CA ALA B 329 -20.77 5.21 -27.98
C ALA B 329 -21.90 5.22 -26.96
N GLY B 330 -23.12 5.32 -27.46
CA GLY B 330 -24.34 5.29 -26.60
C GLY B 330 -24.55 6.49 -25.72
N ARG B 331 -23.76 7.55 -25.89
CA ARG B 331 -23.89 8.72 -25.01
C ARG B 331 -25.24 9.46 -25.23
N THR B 332 -25.82 9.96 -24.15
CA THR B 332 -27.17 10.59 -24.13
C THR B 332 -27.13 12.04 -24.57
N THR B 333 -26.05 12.71 -24.20
CA THR B 333 -25.93 14.16 -24.36
C THR B 333 -24.63 14.53 -25.08
N GLU B 334 -24.63 15.67 -25.73
CA GLU B 334 -23.38 16.10 -26.27
C GLU B 334 -22.53 16.75 -25.19
N ALA B 335 -21.23 16.74 -25.39
CA ALA B 335 -20.29 17.44 -24.51
C ALA B 335 -18.99 17.69 -25.25
N PRO B 336 -18.29 18.77 -24.91
CA PRO B 336 -16.98 18.96 -25.44
C PRO B 336 -15.99 18.03 -24.80
N LEU B 337 -14.93 17.66 -25.52
CA LEU B 337 -13.89 16.82 -24.96
C LEU B 337 -13.37 17.34 -23.61
N GLY B 338 -13.18 18.61 -23.49
CA GLY B 338 -12.79 19.24 -22.24
C GLY B 338 -13.66 18.96 -21.05
N LYS B 339 -14.91 18.54 -21.21
CA LYS B 339 -15.72 18.15 -20.09
C LYS B 339 -15.83 16.65 -19.90
N ILE B 340 -15.15 15.86 -20.71
CA ILE B 340 -15.16 14.41 -20.55
C ILE B 340 -13.79 13.97 -19.99
N HIS B 341 -13.83 13.50 -18.76
CA HIS B 341 -12.65 13.13 -18.02
CA HIS B 341 -12.65 13.13 -18.04
C HIS B 341 -12.53 11.62 -17.80
N ASP B 342 -13.65 10.88 -17.88
CA ASP B 342 -13.62 9.46 -17.49
C ASP B 342 -12.94 8.62 -18.55
N THR B 343 -11.86 7.95 -18.14
CA THR B 343 -11.07 7.18 -19.08
C THR B 343 -11.86 6.06 -19.74
N VAL B 344 -12.81 5.43 -19.04
CA VAL B 344 -13.65 4.41 -19.68
C VAL B 344 -14.52 5.00 -20.81
N GLU B 345 -15.20 6.09 -20.53
CA GLU B 345 -15.92 6.81 -21.53
C GLU B 345 -15.05 7.25 -22.74
N LEU B 346 -13.88 7.80 -22.48
CA LEU B 346 -13.02 8.21 -23.51
C LEU B 346 -12.52 7.06 -24.39
N GLY B 347 -12.22 5.90 -23.78
CA GLY B 347 -11.83 4.74 -24.56
C GLY B 347 -12.97 4.30 -25.46
N ASP B 348 -14.22 4.35 -24.99
CA ASP B 348 -15.42 3.97 -25.81
C ASP B 348 -15.53 4.95 -27.01
N ILE B 349 -15.31 6.25 -26.73
CA ILE B 349 -15.40 7.29 -27.79
C ILE B 349 -14.36 7.09 -28.90
N LEU B 350 -13.12 6.82 -28.50
CA LEU B 350 -12.08 6.52 -29.48
C LEU B 350 -12.41 5.26 -30.29
N SER B 351 -12.86 4.21 -29.61
CA SER B 351 -13.24 2.99 -30.27
C SER B 351 -14.25 3.33 -31.37
N ASN B 352 -15.30 4.04 -31.04
CA ASN B 352 -16.35 4.34 -32.02
C ASN B 352 -15.80 5.22 -33.18
N TYR B 353 -15.01 6.25 -32.90
CA TYR B 353 -14.51 7.12 -33.96
C TYR B 353 -13.47 6.46 -34.87
N GLU B 354 -12.67 5.51 -34.36
CA GLU B 354 -11.79 4.77 -35.23
C GLU B 354 -12.57 3.83 -36.18
N MET B 355 -13.69 3.27 -35.73
CA MET B 355 -14.52 2.47 -36.63
C MET B 355 -15.09 3.38 -37.73
N ILE B 356 -15.63 4.53 -37.37
CA ILE B 356 -16.18 5.50 -38.34
C ILE B 356 -15.08 5.93 -39.29
N ALA B 357 -13.89 6.19 -38.77
CA ALA B 357 -12.76 6.60 -39.60
C ALA B 357 -12.43 5.55 -40.68
N ALA B 358 -12.37 4.28 -40.28
CA ALA B 358 -12.09 3.18 -41.25
C ALA B 358 -13.22 3.05 -42.30
N GLN B 359 -14.44 3.29 -41.86
CA GLN B 359 -15.61 3.27 -42.75
C GLN B 359 -15.46 4.38 -43.78
N ASN B 360 -15.00 5.53 -43.33
CA ASN B 360 -14.68 6.71 -44.22
C ASN B 360 -13.67 6.37 -45.30
N VAL B 361 -12.61 5.68 -44.91
CA VAL B 361 -11.61 5.30 -45.84
C VAL B 361 -12.20 4.33 -46.90
N VAL B 362 -12.90 3.31 -46.44
CA VAL B 362 -13.53 2.33 -47.30
C VAL B 362 -14.48 3.07 -48.29
N THR B 363 -15.28 4.02 -47.79
CA THR B 363 -16.10 4.85 -48.69
C THR B 363 -15.31 5.69 -49.71
N LEU B 364 -14.26 6.37 -49.27
CA LEU B 364 -13.43 7.19 -50.17
C LEU B 364 -12.79 6.32 -51.25
N LYS B 365 -12.30 5.14 -50.86
CA LYS B 365 -11.67 4.25 -51.80
C LYS B 365 -12.71 3.66 -52.77
N LYS B 366 -13.93 3.44 -52.31
CA LYS B 366 -14.99 2.98 -53.17
C LYS B 366 -15.33 4.04 -54.22
N ASN B 367 -15.48 5.27 -53.76
CA ASN B 367 -15.85 6.39 -54.63
C ASN B 367 -14.71 6.80 -55.58
C1 NAG C . -6.25 -10.65 -21.80
C2 NAG C . -4.84 -10.80 -21.25
C3 NAG C . -3.81 -10.25 -22.20
C4 NAG C . -4.02 -10.95 -23.54
C5 NAG C . -5.45 -10.74 -24.03
C6 NAG C . -5.80 -11.44 -25.35
C7 NAG C . -4.56 -10.76 -18.83
C8 NAG C . -4.45 -9.97 -17.56
N2 NAG C . -4.72 -10.10 -19.98
O3 NAG C . -2.52 -10.56 -21.70
O4 NAG C . -3.12 -10.32 -24.46
O5 NAG C . -6.32 -11.28 -23.07
O6 NAG C . -5.39 -12.82 -25.28
O7 NAG C . -4.54 -11.97 -18.81
C1 NAG C . -2.27 -11.24 -25.11
C2 NAG C . -1.75 -10.55 -26.33
C3 NAG C . -0.66 -11.35 -27.05
C4 NAG C . 0.42 -11.81 -26.06
C5 NAG C . -0.30 -12.50 -24.91
C6 NAG C . 0.61 -13.06 -23.84
C7 NAG C . -2.98 -9.05 -27.79
C8 NAG C . -4.00 -8.94 -28.87
N2 NAG C . -2.77 -10.27 -27.33
O3 NAG C . -0.04 -10.60 -28.13
O4 NAG C . 1.51 -12.56 -26.70
O5 NAG C . -1.20 -11.56 -24.26
O6 NAG C . 1.37 -11.99 -23.33
O7 NAG C . -2.41 -8.11 -27.30
C1 BMA C . 1.07 -13.65 -27.53
C2 BMA C . 2.24 -14.25 -28.31
C3 BMA C . 1.69 -15.34 -29.20
C4 BMA C . 0.93 -16.37 -28.40
C5 BMA C . -0.16 -15.68 -27.57
C6 BMA C . -0.84 -16.68 -26.65
O2 BMA C . 3.18 -14.82 -27.41
O3 BMA C . 2.75 -15.94 -29.93
O4 BMA C . 0.25 -17.27 -29.26
O5 BMA C . 0.45 -14.67 -26.76
O6 BMA C . -1.74 -15.94 -25.82
C1 MAN C . 2.33 -16.40 -31.23
C2 MAN C . 3.20 -17.56 -31.67
C3 MAN C . 4.59 -17.00 -31.85
C4 MAN C . 4.61 -15.81 -32.82
C5 MAN C . 3.53 -14.75 -32.56
C6 MAN C . 3.18 -13.93 -33.80
O2 MAN C . 2.66 -18.17 -32.87
O3 MAN C . 5.37 -18.12 -32.27
O4 MAN C . 5.87 -15.18 -32.70
O5 MAN C . 2.32 -15.34 -32.18
O6 MAN C . 2.07 -14.49 -34.58
C1 MAN C . -2.61 -16.78 -25.05
C2 MAN C . -3.46 -15.86 -24.17
C3 MAN C . -2.59 -15.22 -23.08
C4 MAN C . -1.84 -16.30 -22.33
C5 MAN C . -1.03 -17.17 -23.28
C6 MAN C . -0.36 -18.36 -22.60
O2 MAN C . -4.49 -16.66 -23.61
O3 MAN C . -3.37 -14.44 -22.17
O4 MAN C . -0.96 -15.69 -21.36
O5 MAN C . -1.90 -17.74 -24.25
O6 MAN C . -1.36 -19.14 -21.94
C1 NAG D . -1.01 17.06 -18.32
C2 NAG D . -2.07 17.01 -17.25
C3 NAG D . -3.43 16.70 -17.85
C4 NAG D . -3.73 17.74 -18.93
C5 NAG D . -2.63 17.78 -19.94
C6 NAG D . -2.86 18.87 -20.99
C7 NAG D . -1.48 16.21 -15.01
C8 NAG D . -1.16 15.05 -14.08
N2 NAG D . -1.73 15.98 -16.30
O3 NAG D . -4.47 16.77 -16.84
O4 NAG D . -4.96 17.42 -19.61
O5 NAG D . -1.37 18.08 -19.29
O6 NAG D . -2.94 20.16 -20.38
O7 NAG D . -1.53 17.34 -14.59
C1 NAG D . -5.97 18.39 -19.48
C2 NAG D . -7.03 18.08 -20.53
C3 NAG D . -8.26 18.95 -20.33
C4 NAG D . -8.73 18.91 -18.88
C5 NAG D . -7.58 19.23 -17.89
C6 NAG D . -8.06 18.82 -16.49
C7 NAG D . -6.60 17.41 -22.88
C8 NAG D . -6.11 17.90 -24.21
N2 NAG D . -6.56 18.32 -21.87
O3 NAG D . -9.28 18.46 -21.22
O4 NAG D . -9.92 19.69 -18.72
O5 NAG D . -6.50 18.34 -18.18
O6 NAG D . -7.08 19.28 -15.57
O7 NAG D . -7.01 16.27 -22.73
C1 BMA D . -9.75 21.11 -18.84
C2 BMA D . -11.01 21.70 -19.46
C3 BMA D . -10.92 23.21 -19.53
C4 BMA D . -10.52 23.84 -18.20
C5 BMA D . -9.53 23.04 -17.33
C6 BMA D . -9.87 23.28 -15.86
O2 BMA D . -12.13 21.30 -18.69
O3 BMA D . -12.22 23.76 -19.81
O4 BMA D . -10.00 25.13 -18.50
O5 BMA D . -9.57 21.61 -17.52
O6 BMA D . -9.05 22.50 -15.00
C1 MAN D . -12.27 24.79 -20.82
C2 MAN D . -13.32 25.83 -20.40
C3 MAN D . -14.73 25.26 -20.39
C4 MAN D . -15.02 24.64 -21.76
C5 MAN D . -13.92 23.59 -22.03
C6 MAN D . -14.17 22.86 -23.33
O2 MAN D . -13.41 26.83 -21.40
O3 MAN D . -15.70 26.29 -20.16
O4 MAN D . -16.32 24.06 -21.81
O5 MAN D . -12.64 24.25 -22.10
O6 MAN D . -14.05 23.85 -24.35
C1 MAN D . -12.75 28.06 -21.16
C2 MAN D . -13.38 29.00 -22.21
C3 MAN D . -12.41 30.09 -22.58
C4 MAN D . -11.25 29.40 -23.28
C5 MAN D . -10.85 28.05 -22.65
C6 MAN D . -9.34 27.86 -22.73
O2 MAN D . -14.59 29.64 -21.75
O3 MAN D . -12.05 30.75 -21.33
O4 MAN D . -11.61 29.17 -24.65
O5 MAN D . -11.32 27.93 -21.29
O6 MAN D . -8.69 28.50 -21.64
C1 GOL E . 12.53 -6.04 19.54
O1 GOL E . 13.60 -6.25 18.60
C2 GOL E . 11.59 -4.95 19.04
O2 GOL E . 11.02 -5.41 17.81
C3 GOL E . 10.42 -4.78 19.97
O3 GOL E . 10.81 -4.16 21.20
C1 GOL F . 2.54 -5.34 -20.58
O1 GOL F . 2.46 -6.02 -21.83
C2 GOL F . 3.76 -5.82 -19.81
O2 GOL F . 4.93 -5.25 -20.40
C3 GOL F . 3.62 -5.43 -18.32
O3 GOL F . 4.79 -5.84 -17.57
C1 GOL G . -13.16 -11.36 -25.41
O1 GOL G . -13.85 -12.57 -25.26
C2 GOL G . -11.73 -11.63 -25.11
O2 GOL G . -11.16 -12.48 -26.13
C3 GOL G . -11.81 -12.33 -23.72
O3 GOL G . -10.96 -11.61 -22.89
C1 GOL H . 2.29 19.42 -23.33
O1 GOL H . 1.49 20.60 -23.25
C2 GOL H . 3.49 19.96 -22.60
O2 GOL H . 4.54 20.21 -23.51
C3 GOL H . 3.93 19.23 -21.37
O3 GOL H . 2.76 18.69 -20.71
C1 GOL I . -8.92 11.27 -15.36
O1 GOL I . -9.39 12.21 -16.35
C2 GOL I . -9.70 11.49 -14.08
O2 GOL I . -11.02 10.98 -14.33
C3 GOL I . -8.98 10.75 -12.94
O3 GOL I . -9.80 10.64 -11.74
C1 GOL J . -1.72 -2.31 22.52
O1 GOL J . -1.77 -3.27 23.58
C2 GOL J . -3.13 -1.85 22.23
O2 GOL J . -3.86 -2.97 21.75
C3 GOL J . -3.84 -1.29 23.46
O3 GOL J . -5.09 -0.74 23.06
O1 MES K . 13.17 10.83 -2.03
C2 MES K . 12.11 11.77 -2.00
C3 MES K . 12.18 12.73 -3.20
N4 MES K . 12.63 12.10 -4.47
C5 MES K . 12.48 10.61 -4.43
C6 MES K . 13.02 9.95 -3.14
C7 MES K . 12.01 12.82 -5.65
C8 MES K . 11.61 12.03 -6.90
S MES K . 11.61 12.91 -8.35
O1S MES K . 11.66 11.93 -9.45
O2S MES K . 12.81 13.77 -8.44
O3S MES K . 10.38 13.72 -8.65
#